data_4FJU
#
_entry.id   4FJU
#
_cell.length_a   162.756
_cell.length_b   162.756
_cell.length_c   61.453
_cell.angle_alpha   90.00
_cell.angle_beta   90.00
_cell.angle_gamma   90.00
#
_symmetry.space_group_name_H-M   'P 42 21 2'
#
loop_
_entity.id
_entity.type
_entity.pdbx_description
1 polymer 'Ureidoglycolate dehydrogenase'
2 non-polymer '1,4-DIHYDRONICOTINAMIDE ADENINE DINUCLEOTIDE'
3 non-polymer 'GLYOXYLIC ACID'
4 water water
#
_entity_poly.entity_id   1
_entity_poly.type   'polypeptide(L)'
_entity_poly.pdbx_seq_one_letter_code
;GHMKISRETLHQLIENKLCQAGLKREHAATVAEVLVYADARGIHSHGAVRVEYYAERISKGGTNREPEFRLEETGPCSAI
LHADNAAGQVAAKMGMEHAIKTAQQNGVAVVGISRMGHSGAISYFVQQAARAGFIGISMCQSDPMVVPFGGAEIYYGTNP
LAFAAPGEGDEILTFDMATTVQAWGKVLDARSRNMSIPDTWAVDKNGVPTTDPFAVHALLPAAGPKGYGLMMMIDVLSGV
LLGLPFGRQVSSMYDDLHAGRNLGQLHIVINPNFFSSSELFRQHLSQTMRELNAITPAPGFNQVYYPGQDQDIKQRKAAV
EGIEIVDDIYQYLISDALYNTSYETKNPFAQ
;
_entity_poly.pdbx_strand_id   A,B
#
# COMPACT_ATOMS: atom_id res chain seq x y z
N MET A 3 -17.31 29.51 -2.11
CA MET A 3 -17.17 30.12 -3.43
C MET A 3 -16.31 29.28 -4.36
N LYS A 4 -16.53 29.43 -5.67
CA LYS A 4 -15.70 28.76 -6.66
C LYS A 4 -14.70 29.75 -7.22
N ILE A 5 -13.50 29.30 -7.52
CA ILE A 5 -12.45 30.15 -8.06
C ILE A 5 -11.59 29.40 -9.07
N SER A 6 -10.91 30.14 -9.93
CA SER A 6 -10.10 29.55 -10.97
C SER A 6 -8.88 28.84 -10.38
N ARG A 7 -8.18 28.07 -11.21
CA ARG A 7 -6.98 27.36 -10.78
C ARG A 7 -5.78 28.30 -10.80
N GLU A 8 -5.70 29.12 -11.85
CA GLU A 8 -4.57 30.04 -11.98
C GLU A 8 -4.58 31.11 -10.90
N THR A 9 -5.79 31.54 -10.50
CA THR A 9 -5.92 32.61 -9.52
C THR A 9 -5.60 32.11 -8.12
N LEU A 10 -6.09 30.91 -7.80
CA LEU A 10 -5.82 30.33 -6.48
C LEU A 10 -4.34 30.07 -6.34
N HIS A 11 -3.74 29.54 -7.40
CA HIS A 11 -2.29 29.35 -7.43
C HIS A 11 -1.57 30.65 -7.12
N GLN A 12 -1.97 31.72 -7.80
CA GLN A 12 -1.31 33.01 -7.62
C GLN A 12 -1.45 33.50 -6.17
N LEU A 13 -2.65 33.40 -5.63
CA LEU A 13 -2.91 33.85 -4.25
C LEU A 13 -2.04 33.10 -3.26
N ILE A 14 -2.04 31.77 -3.38
CA ILE A 14 -1.25 30.93 -2.49
C ILE A 14 0.23 31.23 -2.65
N GLU A 15 0.69 31.36 -3.90
CA GLU A 15 2.10 31.63 -4.20
C GLU A 15 2.59 32.94 -3.58
N ASN A 16 1.77 33.98 -3.70
CA ASN A 16 2.13 35.30 -3.18
C ASN A 16 2.21 35.29 -1.66
N LYS A 17 1.19 34.69 -1.05
CA LYS A 17 1.06 34.64 0.40
C LYS A 17 2.20 33.85 1.06
N LEU A 18 2.65 32.78 0.41
CA LEU A 18 3.76 32.02 0.96
C LEU A 18 5.09 32.70 0.65
N CYS A 19 5.14 33.47 -0.43
CA CYS A 19 6.36 34.17 -0.80
C CYS A 19 6.64 35.30 0.18
N GLN A 20 5.58 35.98 0.61
CA GLN A 20 5.73 37.09 1.55
C GLN A 20 5.95 36.57 2.96
N ALA A 21 5.57 35.32 3.20
CA ALA A 21 5.91 34.67 4.46
C ALA A 21 7.42 34.42 4.48
N GLY A 22 8.00 34.26 3.30
CA GLY A 22 9.44 34.15 3.19
C GLY A 22 9.99 33.05 2.29
N LEU A 23 9.11 32.31 1.62
CA LEU A 23 9.55 31.26 0.70
C LEU A 23 10.09 31.85 -0.59
N LYS A 24 11.08 31.19 -1.21
CA LYS A 24 11.45 31.54 -2.57
C LYS A 24 10.23 31.36 -3.46
N ARG A 25 10.03 32.28 -4.40
CA ARG A 25 8.87 32.24 -5.26
C ARG A 25 8.78 30.90 -6.01
N GLU A 26 9.94 30.34 -6.34
CA GLU A 26 10.01 29.04 -7.01
C GLU A 26 9.39 27.97 -6.11
N HIS A 27 9.76 28.01 -4.84
CA HIS A 27 9.23 27.06 -3.86
C HIS A 27 7.76 27.30 -3.61
N ALA A 28 7.37 28.56 -3.43
CA ALA A 28 5.96 28.90 -3.18
C ALA A 28 5.05 28.49 -4.33
N ALA A 29 5.60 28.49 -5.55
CA ALA A 29 4.83 28.07 -6.72
C ALA A 29 4.54 26.57 -6.65
N THR A 30 5.58 25.81 -6.34
CA THR A 30 5.45 24.34 -6.21
C THR A 30 4.49 24.00 -5.09
N VAL A 31 4.64 24.63 -3.93
CA VAL A 31 3.69 24.41 -2.85
C VAL A 31 2.27 24.70 -3.32
N ALA A 32 2.09 25.79 -4.08
CA ALA A 32 0.76 26.21 -4.49
C ALA A 32 0.08 25.22 -5.44
N GLU A 33 0.82 24.68 -6.39
CA GLU A 33 0.19 23.76 -7.34
C GLU A 33 -0.21 22.43 -6.70
N VAL A 34 0.53 21.97 -5.69
CA VAL A 34 0.13 20.75 -4.99
C VAL A 34 -1.13 21.01 -4.16
N LEU A 35 -1.23 22.21 -3.59
CA LEU A 35 -2.44 22.56 -2.85
C LEU A 35 -3.67 22.70 -3.73
N VAL A 36 -3.54 23.42 -4.85
CA VAL A 36 -4.67 23.55 -5.77
C VAL A 36 -5.07 22.18 -6.37
N TYR A 37 -4.09 21.32 -6.63
CA TYR A 37 -4.34 19.92 -7.03
C TYR A 37 -5.28 19.22 -6.05
N ALA A 38 -4.96 19.32 -4.76
CA ALA A 38 -5.81 18.72 -3.74
C ALA A 38 -7.21 19.30 -3.75
N ASP A 39 -7.32 20.62 -3.73
CA ASP A 39 -8.64 21.25 -3.74
C ASP A 39 -9.47 20.84 -4.97
N ALA A 40 -8.85 20.84 -6.15
CA ALA A 40 -9.56 20.49 -7.37
C ALA A 40 -10.12 19.07 -7.33
N ARG A 41 -9.39 18.16 -6.67
CA ARG A 41 -9.84 16.76 -6.51
C ARG A 41 -10.77 16.54 -5.33
N GLY A 42 -10.97 17.58 -4.51
CA GLY A 42 -11.90 17.47 -3.40
C GLY A 42 -11.24 17.09 -2.09
N ILE A 43 -9.91 17.04 -2.10
CA ILE A 43 -9.15 16.76 -0.88
C ILE A 43 -8.83 18.06 -0.18
N HIS A 44 -9.87 18.74 0.30
CA HIS A 44 -9.72 20.10 0.80
C HIS A 44 -8.87 20.21 2.06
N SER A 45 -8.83 19.14 2.85
CA SER A 45 -8.03 19.17 4.08
C SER A 45 -6.54 19.35 3.80
N HIS A 46 -6.13 19.12 2.56
CA HIS A 46 -4.76 19.33 2.15
C HIS A 46 -4.65 20.37 1.07
N GLY A 47 -5.68 21.20 0.96
CA GLY A 47 -5.70 22.30 0.00
C GLY A 47 -5.32 23.66 0.59
N ALA A 48 -5.97 24.70 0.09
CA ALA A 48 -5.64 26.08 0.49
C ALA A 48 -5.84 26.34 1.98
N VAL A 49 -6.70 25.54 2.61
CA VAL A 49 -6.95 25.61 4.06
C VAL A 49 -5.67 25.57 4.91
N ARG A 50 -4.58 25.06 4.34
CA ARG A 50 -3.33 24.88 5.07
C ARG A 50 -2.39 26.07 4.97
N VAL A 51 -2.70 27.01 4.07
CA VAL A 51 -1.76 28.10 3.76
C VAL A 51 -1.41 28.93 5.00
N GLU A 52 -2.43 29.32 5.77
CA GLU A 52 -2.23 30.18 6.94
C GLU A 52 -1.29 29.52 7.93
N TYR A 53 -1.50 28.23 8.17
CA TYR A 53 -0.57 27.45 8.99
C TYR A 53 0.83 27.46 8.39
N TYR A 54 0.94 27.17 7.09
CA TYR A 54 2.24 27.19 6.42
C TYR A 54 2.93 28.55 6.58
N ALA A 55 2.18 29.64 6.38
CA ALA A 55 2.75 30.98 6.49
C ALA A 55 3.39 31.23 7.85
N GLU A 56 2.69 30.83 8.91
CA GLU A 56 3.20 30.97 10.27
C GLU A 56 4.48 30.16 10.49
N ARG A 57 4.48 28.90 10.05
CA ARG A 57 5.65 28.05 10.21
C ARG A 57 6.83 28.54 9.40
N ILE A 58 6.58 29.04 8.19
CA ILE A 58 7.63 29.59 7.36
C ILE A 58 8.20 30.86 8.01
N SER A 59 7.30 31.72 8.47
CA SER A 59 7.68 32.97 9.14
C SER A 59 8.57 32.69 10.35
N LYS A 60 8.14 31.75 11.19
CA LYS A 60 8.85 31.42 12.42
C LYS A 60 10.06 30.48 12.24
N GLY A 61 10.28 30.02 11.01
CA GLY A 61 11.48 29.27 10.69
C GLY A 61 11.37 27.76 10.81
N GLY A 62 10.14 27.28 10.99
CA GLY A 62 9.89 25.84 11.11
C GLY A 62 9.83 25.11 9.78
N THR A 63 9.86 25.89 8.71
CA THR A 63 10.01 25.39 7.34
C THR A 63 11.20 26.13 6.75
N ASN A 64 12.16 25.41 6.17
CA ASN A 64 13.38 26.04 5.70
C ASN A 64 13.16 26.82 4.41
N ARG A 65 13.35 28.14 4.45
CA ARG A 65 13.19 28.95 3.24
C ARG A 65 14.47 28.97 2.40
N GLU A 66 15.58 28.55 2.99
CA GLU A 66 16.83 28.42 2.24
C GLU A 66 17.47 27.05 2.43
N PRO A 67 16.74 25.98 2.06
CA PRO A 67 17.27 24.64 2.32
C PRO A 67 18.46 24.32 1.44
N GLU A 68 19.46 23.66 2.01
CA GLU A 68 20.53 23.09 1.24
C GLU A 68 20.15 21.66 0.85
N PHE A 69 19.50 21.53 -0.30
CA PHE A 69 19.17 20.20 -0.82
C PHE A 69 20.44 19.45 -1.14
N ARG A 70 20.46 18.16 -0.82
CA ARG A 70 21.57 17.31 -1.23
C ARG A 70 21.03 15.95 -1.65
N LEU A 71 21.21 15.62 -2.91
CA LEU A 71 20.79 14.31 -3.41
C LEU A 71 21.93 13.31 -3.33
N GLU A 72 21.77 12.31 -2.47
CA GLU A 72 22.80 11.29 -2.28
C GLU A 72 22.43 10.01 -3.01
N GLU A 73 23.12 9.72 -4.11
CA GLU A 73 22.85 8.52 -4.90
C GLU A 73 23.59 7.33 -4.30
N THR A 74 22.85 6.31 -3.88
CA THR A 74 23.46 5.22 -3.14
C THR A 74 23.62 3.96 -3.99
N GLY A 75 22.97 3.95 -5.15
CA GLY A 75 23.04 2.79 -6.03
C GLY A 75 22.42 3.16 -7.35
N PRO A 76 22.38 2.21 -8.31
CA PRO A 76 21.83 2.53 -9.63
C PRO A 76 20.36 2.94 -9.59
N CYS A 77 19.63 2.46 -8.58
CA CYS A 77 18.19 2.70 -8.53
C CYS A 77 17.76 3.22 -7.17
N SER A 78 18.68 3.84 -6.44
CA SER A 78 18.34 4.32 -5.09
C SER A 78 18.98 5.66 -4.77
N ALA A 79 18.27 6.47 -4.00
CA ALA A 79 18.78 7.79 -3.60
C ALA A 79 18.08 8.30 -2.37
N ILE A 80 18.73 9.22 -1.67
CA ILE A 80 18.07 10.00 -0.64
C ILE A 80 18.21 11.46 -0.99
N LEU A 81 17.08 12.17 -1.04
CA LEU A 81 17.13 13.62 -1.11
C LEU A 81 17.11 14.18 0.32
N HIS A 82 18.23 14.71 0.74
CA HIS A 82 18.30 15.38 2.03
C HIS A 82 17.69 16.76 1.85
N ALA A 83 16.56 17.00 2.51
CA ALA A 83 15.74 18.15 2.20
C ALA A 83 15.85 19.29 3.20
N ASP A 84 16.63 19.10 4.26
CA ASP A 84 16.94 20.18 5.18
C ASP A 84 15.67 20.91 5.67
N ASN A 85 14.58 20.15 5.83
CA ASN A 85 13.30 20.69 6.29
C ASN A 85 12.66 21.78 5.41
N ALA A 86 13.01 21.74 4.13
CA ALA A 86 12.28 22.47 3.11
C ALA A 86 10.81 22.11 3.15
N ALA A 87 9.99 22.96 2.54
CA ALA A 87 8.58 22.66 2.33
C ALA A 87 8.42 21.28 1.66
N GLY A 88 7.54 20.45 2.22
CA GLY A 88 7.37 19.08 1.77
C GLY A 88 7.00 18.95 0.29
N GLN A 89 6.14 19.83 -0.19
CA GLN A 89 5.71 19.82 -1.60
C GLN A 89 6.90 19.99 -2.54
N VAL A 90 7.80 20.90 -2.17
CA VAL A 90 9.03 21.13 -2.91
C VAL A 90 9.97 19.92 -2.87
N ALA A 91 10.21 19.40 -1.67
CA ALA A 91 11.13 18.29 -1.48
C ALA A 91 10.60 17.03 -2.16
N ALA A 92 9.32 16.76 -1.96
CA ALA A 92 8.75 15.52 -2.51
C ALA A 92 8.77 15.55 -4.04
N LYS A 93 8.48 16.71 -4.62
CA LYS A 93 8.44 16.82 -6.07
C LYS A 93 9.85 16.68 -6.68
N MET A 94 10.83 17.34 -6.06
CA MET A 94 12.22 17.23 -6.47
C MET A 94 12.68 15.77 -6.45
N GLY A 95 12.35 15.06 -5.38
CA GLY A 95 12.76 13.67 -5.24
C GLY A 95 12.08 12.80 -6.28
N MET A 96 10.83 13.12 -6.59
CA MET A 96 10.11 12.35 -7.59
C MET A 96 10.70 12.60 -8.99
N GLU A 97 11.19 13.81 -9.24
CA GLU A 97 11.84 14.08 -10.52
C GLU A 97 13.07 13.22 -10.66
N HIS A 98 13.85 13.08 -9.59
CA HIS A 98 14.98 12.19 -9.63
C HIS A 98 14.56 10.73 -9.82
N ALA A 99 13.46 10.33 -9.16
CA ALA A 99 12.98 8.95 -9.29
C ALA A 99 12.57 8.62 -10.74
N ILE A 100 11.88 9.56 -11.36
CA ILE A 100 11.46 9.42 -12.76
C ILE A 100 12.69 9.29 -13.66
N LYS A 101 13.68 10.15 -13.48
CA LYS A 101 14.88 10.10 -14.30
C LYS A 101 15.61 8.77 -14.12
N THR A 102 15.63 8.29 -12.89
CA THR A 102 16.33 7.05 -12.56
C THR A 102 15.61 5.83 -13.14
N ALA A 103 14.28 5.80 -13.06
CA ALA A 103 13.50 4.68 -13.63
C ALA A 103 13.53 4.69 -15.16
N GLN A 104 13.64 5.88 -15.76
CA GLN A 104 13.80 6.02 -17.21
C GLN A 104 15.06 5.32 -17.70
N GLN A 105 16.18 5.53 -16.99
CA GLN A 105 17.46 4.97 -17.42
C GLN A 105 17.69 3.54 -16.90
N ASN A 106 17.24 3.26 -15.68
CA ASN A 106 17.60 2.03 -15.02
C ASN A 106 16.43 1.15 -14.58
N GLY A 107 15.22 1.57 -14.93
CA GLY A 107 14.04 0.71 -14.83
C GLY A 107 13.16 0.88 -13.61
N VAL A 108 13.78 1.15 -12.47
CA VAL A 108 13.10 1.21 -11.18
C VAL A 108 13.82 2.29 -10.37
N ALA A 109 13.13 2.89 -9.41
CA ALA A 109 13.78 3.84 -8.51
C ALA A 109 13.09 3.83 -7.16
N VAL A 110 13.89 3.86 -6.11
CA VAL A 110 13.39 3.96 -4.75
C VAL A 110 14.10 5.17 -4.15
N VAL A 111 13.35 6.22 -3.87
CA VAL A 111 13.95 7.48 -3.46
C VAL A 111 13.32 7.98 -2.16
N GLY A 112 14.14 8.18 -1.14
CA GLY A 112 13.67 8.72 0.12
C GLY A 112 13.75 10.23 0.11
N ILE A 113 12.77 10.88 0.73
CA ILE A 113 12.81 12.32 1.01
C ILE A 113 13.11 12.41 2.49
N SER A 114 14.30 12.90 2.85
CA SER A 114 14.73 12.88 4.25
C SER A 114 14.71 14.28 4.88
N ARG A 115 13.81 14.47 5.85
CA ARG A 115 13.65 15.72 6.62
C ARG A 115 12.93 16.80 5.83
N MET A 116 11.61 16.70 5.79
CA MET A 116 10.78 17.61 5.02
C MET A 116 9.61 18.08 5.87
N GLY A 117 8.95 19.16 5.43
CA GLY A 117 7.69 19.57 6.00
C GLY A 117 6.54 18.75 5.41
N HIS A 118 5.31 19.03 5.84
CA HIS A 118 4.12 18.39 5.31
C HIS A 118 4.06 18.50 3.78
N SER A 119 3.79 17.40 3.08
CA SER A 119 3.78 17.40 1.61
C SER A 119 2.40 17.33 0.95
N GLY A 120 1.35 17.25 1.76
CA GLY A 120 -0.01 17.35 1.24
C GLY A 120 -0.67 16.08 0.71
N ALA A 121 -1.50 16.25 -0.33
CA ALA A 121 -2.14 15.14 -1.02
C ALA A 121 -1.08 14.42 -1.83
N ILE A 122 -0.56 13.30 -1.31
CA ILE A 122 0.63 12.73 -1.91
C ILE A 122 0.40 12.09 -3.29
N SER A 123 -0.85 11.96 -3.71
CA SER A 123 -1.11 11.44 -5.06
C SER A 123 -0.59 12.40 -6.13
N TYR A 124 -0.33 13.66 -5.76
CA TYR A 124 0.24 14.59 -6.73
C TYR A 124 1.54 14.01 -7.29
N PHE A 125 2.35 13.47 -6.39
CA PHE A 125 3.67 13.00 -6.72
C PHE A 125 3.62 11.75 -7.57
N VAL A 126 2.72 10.82 -7.28
CA VAL A 126 2.63 9.65 -8.15
C VAL A 126 2.04 9.99 -9.52
N GLN A 127 1.16 11.01 -9.58
CA GLN A 127 0.70 11.50 -10.88
C GLN A 127 1.86 11.99 -11.77
N GLN A 128 2.90 12.58 -11.18
CA GLN A 128 4.10 12.96 -11.94
C GLN A 128 4.68 11.76 -12.67
N ALA A 129 4.79 10.64 -11.96
CA ALA A 129 5.36 9.43 -12.51
C ALA A 129 4.46 8.93 -13.64
N ALA A 130 3.15 8.92 -13.40
CA ALA A 130 2.23 8.42 -14.42
C ALA A 130 2.23 9.30 -15.67
N ARG A 131 2.36 10.61 -15.49
CA ARG A 131 2.43 11.49 -16.65
C ARG A 131 3.70 11.22 -17.47
N ALA A 132 4.75 10.76 -16.80
CA ALA A 132 6.01 10.40 -17.45
C ALA A 132 5.95 9.01 -18.07
N GLY A 133 4.81 8.32 -17.89
CA GLY A 133 4.61 7.00 -18.47
C GLY A 133 4.89 5.84 -17.54
N PHE A 134 5.19 6.16 -16.28
CA PHE A 134 5.61 5.14 -15.31
C PHE A 134 4.55 4.89 -14.22
N ILE A 135 4.68 3.76 -13.54
CA ILE A 135 3.92 3.53 -12.32
C ILE A 135 4.59 4.27 -11.16
N GLY A 136 3.80 5.00 -10.38
CA GLY A 136 4.31 5.68 -9.21
C GLY A 136 3.61 5.18 -7.95
N ILE A 137 4.39 4.99 -6.90
CA ILE A 137 3.89 4.67 -5.57
C ILE A 137 4.56 5.63 -4.62
N SER A 138 3.82 6.16 -3.65
CA SER A 138 4.43 7.05 -2.66
C SER A 138 3.74 6.86 -1.33
N MET A 139 4.42 7.28 -0.25
CA MET A 139 3.91 7.09 1.10
C MET A 139 4.72 7.97 2.02
N CYS A 140 4.12 8.41 3.12
CA CYS A 140 4.89 9.23 4.05
C CYS A 140 4.39 9.11 5.47
N GLN A 141 5.23 9.54 6.41
CA GLN A 141 4.86 9.60 7.81
C GLN A 141 3.94 10.76 8.08
N SER A 142 3.18 10.66 9.16
CA SER A 142 2.33 11.79 9.57
C SER A 142 2.26 11.87 11.09
N ASP A 143 1.73 12.99 11.59
CA ASP A 143 1.53 13.23 13.03
C ASP A 143 0.93 12.03 13.77
N PRO A 144 1.59 11.57 14.86
CA PRO A 144 0.98 10.51 15.67
C PRO A 144 -0.45 10.87 16.06
N MET A 145 -1.40 10.00 15.72
CA MET A 145 -2.83 10.28 15.89
C MET A 145 -3.63 8.99 15.98
N VAL A 146 -2.97 7.83 15.86
CA VAL A 146 -3.70 6.59 15.67
C VAL A 146 -3.32 5.55 16.70
N VAL A 147 -4.31 4.85 17.24
CA VAL A 147 -4.02 3.72 18.11
C VAL A 147 -3.64 2.49 17.30
N PRO A 148 -2.67 1.72 17.79
CA PRO A 148 -2.46 0.36 17.28
C PRO A 148 -3.78 -0.38 17.39
N PHE A 149 -3.97 -1.42 16.58
CA PHE A 149 -5.14 -2.26 16.74
C PHE A 149 -5.08 -2.83 18.15
N GLY A 150 -6.17 -2.67 18.88
CA GLY A 150 -6.26 -3.16 20.25
C GLY A 150 -5.71 -2.19 21.28
N GLY A 151 -5.21 -1.04 20.83
CA GLY A 151 -4.50 -0.13 21.71
C GLY A 151 -5.26 1.11 22.15
N ALA A 152 -4.72 1.80 23.16
CA ALA A 152 -5.35 2.99 23.71
C ALA A 152 -4.41 4.18 23.77
N GLU A 153 -3.24 4.06 23.16
CA GLU A 153 -2.29 5.17 23.11
C GLU A 153 -1.94 5.40 21.66
N ILE A 154 -1.63 6.63 21.29
CA ILE A 154 -1.26 6.91 19.90
C ILE A 154 0.17 6.48 19.57
N TYR A 155 0.40 6.07 18.33
CA TYR A 155 1.72 5.72 17.90
C TYR A 155 1.98 6.25 16.48
N TYR A 156 1.37 5.60 15.49
CA TYR A 156 1.52 6.02 14.10
C TYR A 156 0.58 7.18 13.74
N GLY A 157 0.82 7.77 12.58
CA GLY A 157 -0.07 8.79 12.03
C GLY A 157 -0.96 8.24 10.93
N THR A 158 -1.67 9.13 10.23
CA THR A 158 -2.61 8.70 9.21
C THR A 158 -1.91 8.23 7.93
N ASN A 159 -0.57 8.30 7.95
CA ASN A 159 0.33 7.61 7.03
C ASN A 159 -0.28 7.15 5.72
N PRO A 160 -0.30 8.03 4.72
CA PRO A 160 -0.98 7.74 3.46
C PRO A 160 -0.16 6.92 2.46
N LEU A 161 -0.89 6.24 1.58
CA LEU A 161 -0.34 5.46 0.47
C LEU A 161 -0.99 5.91 -0.83
N ALA A 162 -0.19 6.15 -1.87
CA ALA A 162 -0.76 6.54 -3.15
C ALA A 162 -0.13 5.77 -4.29
N PHE A 163 -0.90 5.63 -5.37
CA PHE A 163 -0.52 4.87 -6.55
C PHE A 163 -1.09 5.56 -7.78
N ALA A 164 -0.35 5.53 -8.87
CA ALA A 164 -0.90 5.92 -10.15
C ALA A 164 -0.21 5.17 -11.27
N ALA A 165 -0.98 4.85 -12.30
CA ALA A 165 -0.43 4.19 -13.48
C ALA A 165 -1.06 4.80 -14.72
N PRO A 166 -0.30 4.84 -15.83
CA PRO A 166 -0.89 5.47 -17.01
C PRO A 166 -1.76 4.54 -17.84
N GLY A 167 -2.86 5.09 -18.36
CA GLY A 167 -3.58 4.44 -19.42
C GLY A 167 -3.19 5.03 -20.77
N GLU A 168 -4.04 4.82 -21.78
CA GLU A 168 -3.79 5.37 -23.10
C GLU A 168 -3.92 6.89 -23.06
N GLY A 169 -3.11 7.58 -23.88
CA GLY A 169 -3.21 9.02 -23.97
C GLY A 169 -2.94 9.70 -22.64
N ASP A 170 -3.84 10.58 -22.24
CA ASP A 170 -3.69 11.32 -20.98
C ASP A 170 -4.42 10.64 -19.82
N GLU A 171 -4.92 9.43 -20.03
CA GLU A 171 -5.59 8.72 -18.95
C GLU A 171 -4.62 8.28 -17.86
N ILE A 172 -5.00 8.53 -16.61
CA ILE A 172 -4.23 8.07 -15.46
C ILE A 172 -5.20 7.45 -14.49
N LEU A 173 -4.85 6.29 -13.92
CA LEU A 173 -5.63 5.75 -12.82
C LEU A 173 -4.89 6.11 -11.54
N THR A 174 -5.54 6.88 -10.65
CA THR A 174 -4.91 7.40 -9.43
C THR A 174 -5.67 6.91 -8.22
N PHE A 175 -4.96 6.42 -7.20
CA PHE A 175 -5.57 5.90 -5.99
C PHE A 175 -4.77 6.46 -4.81
N ASP A 176 -5.44 6.89 -3.74
CA ASP A 176 -4.76 7.66 -2.70
C ASP A 176 -5.54 7.54 -1.39
N MET A 177 -4.96 6.94 -0.36
CA MET A 177 -5.72 6.69 0.87
C MET A 177 -4.92 6.96 2.16
N ALA A 178 -5.60 7.49 3.17
CA ALA A 178 -5.07 7.48 4.53
C ALA A 178 -5.23 6.06 5.04
N THR A 179 -4.41 5.65 6.00
CA THR A 179 -4.50 4.28 6.51
C THR A 179 -5.45 4.18 7.72
N THR A 180 -6.10 5.28 8.03
CA THR A 180 -7.13 5.28 9.08
C THR A 180 -8.51 5.07 8.46
N VAL A 181 -9.50 4.77 9.29
CA VAL A 181 -10.87 4.60 8.80
C VAL A 181 -11.31 5.86 8.06
N GLN A 182 -11.04 7.01 8.65
CA GLN A 182 -11.22 8.29 7.99
C GLN A 182 -10.02 9.19 8.29
N ALA A 183 -9.74 10.12 7.39
CA ALA A 183 -8.70 11.12 7.66
C ALA A 183 -9.14 12.04 8.81
N TRP A 184 -8.17 12.72 9.43
CA TRP A 184 -8.44 13.58 10.59
C TRP A 184 -9.43 14.71 10.29
N GLY A 185 -9.41 15.20 9.05
CA GLY A 185 -10.28 16.29 8.64
C GLY A 185 -11.77 16.01 8.81
N LYS A 186 -12.15 14.72 8.83
CA LYS A 186 -13.54 14.34 8.99
C LYS A 186 -13.97 14.53 10.44
N VAL A 187 -13.03 14.44 11.36
CA VAL A 187 -13.30 14.72 12.76
C VAL A 187 -13.34 16.22 12.97
N LEU A 188 -12.44 16.93 12.28
CA LEU A 188 -12.43 18.39 12.31
C LEU A 188 -13.67 18.99 11.68
N ASP A 189 -14.13 18.40 10.57
CA ASP A 189 -15.29 18.90 9.86
C ASP A 189 -16.56 18.74 10.70
N ALA A 190 -16.70 17.60 11.36
CA ALA A 190 -17.85 17.34 12.22
C ALA A 190 -17.70 18.04 13.56
N ARG A 191 -16.52 18.61 13.81
CA ARG A 191 -16.32 19.47 14.96
C ARG A 191 -16.84 20.87 14.65
N SER A 192 -16.60 21.30 13.41
CA SER A 192 -17.02 22.60 12.92
C SER A 192 -18.54 22.77 12.89
N ARG A 193 -19.26 21.67 12.67
CA ARG A 193 -20.71 21.76 12.46
C ARG A 193 -21.53 21.01 13.51
N ASN A 194 -20.85 20.49 14.54
CA ASN A 194 -21.52 19.89 15.69
C ASN A 194 -22.47 18.73 15.37
N MET A 195 -21.98 17.76 14.61
CA MET A 195 -22.71 16.52 14.38
C MET A 195 -21.98 15.38 15.07
N SER A 196 -22.72 14.39 15.55
CA SER A 196 -22.10 13.19 16.10
C SER A 196 -21.51 12.36 14.97
N ILE A 197 -20.35 11.76 15.22
CA ILE A 197 -19.70 10.90 14.25
C ILE A 197 -20.04 9.45 14.53
N PRO A 198 -19.97 8.60 13.49
CA PRO A 198 -20.11 7.16 13.74
C PRO A 198 -18.98 6.64 14.63
N ASP A 199 -19.21 5.52 15.31
CA ASP A 199 -18.27 5.03 16.31
C ASP A 199 -17.13 4.19 15.73
N THR A 200 -17.00 4.20 14.40
CA THR A 200 -15.97 3.40 13.72
C THR A 200 -14.73 4.22 13.41
N TRP A 201 -14.82 5.53 13.59
CA TRP A 201 -13.75 6.44 13.21
C TRP A 201 -12.66 6.57 14.28
N ALA A 202 -13.07 6.64 15.54
CA ALA A 202 -12.16 7.15 16.56
C ALA A 202 -12.47 6.67 17.98
N VAL A 203 -11.50 6.85 18.87
CA VAL A 203 -11.64 6.44 20.27
C VAL A 203 -11.37 7.59 21.23
N ASP A 204 -11.83 7.45 22.46
CA ASP A 204 -11.51 8.45 23.48
C ASP A 204 -10.17 8.16 24.13
N LYS A 205 -9.84 8.92 25.17
CA LYS A 205 -8.57 8.75 25.89
C LYS A 205 -8.37 7.33 26.44
N ASN A 206 -9.44 6.56 26.55
CA ASN A 206 -9.36 5.21 27.10
C ASN A 206 -9.32 4.10 26.05
N GLY A 207 -9.40 4.47 24.78
CA GLY A 207 -9.40 3.49 23.72
C GLY A 207 -10.78 2.92 23.42
N VAL A 208 -11.81 3.55 23.98
CA VAL A 208 -13.19 3.16 23.73
C VAL A 208 -13.77 4.01 22.58
N PRO A 209 -14.32 3.35 21.56
CA PRO A 209 -14.89 4.06 20.40
C PRO A 209 -15.93 5.09 20.84
N THR A 210 -15.97 6.25 20.17
CA THR A 210 -16.85 7.34 20.60
C THR A 210 -17.58 8.03 19.45
N THR A 211 -18.79 8.50 19.74
CA THR A 211 -19.60 9.22 18.76
C THR A 211 -19.46 10.72 18.93
N ASP A 212 -18.76 11.12 19.99
CA ASP A 212 -18.57 12.53 20.31
C ASP A 212 -17.23 13.01 19.76
N PRO A 213 -17.28 13.88 18.72
CA PRO A 213 -16.09 14.35 18.01
C PRO A 213 -15.16 15.19 18.87
N PHE A 214 -15.69 15.79 19.93
CA PHE A 214 -14.87 16.58 20.84
C PHE A 214 -14.27 15.69 21.92
N ALA A 215 -14.75 14.45 22.00
CA ALA A 215 -14.24 13.47 22.95
C ALA A 215 -13.15 12.58 22.32
N VAL A 216 -12.93 12.74 21.01
CA VAL A 216 -11.93 11.97 20.28
C VAL A 216 -10.51 12.23 20.77
N HIS A 217 -9.77 11.18 21.08
CA HIS A 217 -8.37 11.31 21.46
C HIS A 217 -7.45 10.79 20.35
N ALA A 218 -7.91 9.77 19.64
CA ALA A 218 -7.13 9.10 18.60
C ALA A 218 -8.02 8.50 17.54
N LEU A 219 -7.48 8.32 16.34
CA LEU A 219 -8.19 7.66 15.24
C LEU A 219 -7.96 6.15 15.27
N LEU A 220 -8.87 5.41 14.64
CA LEU A 220 -8.76 3.97 14.51
C LEU A 220 -8.17 3.61 13.14
N PRO A 221 -7.40 2.52 13.06
CA PRO A 221 -6.86 2.14 11.74
C PRO A 221 -7.93 1.55 10.84
N ALA A 222 -7.84 1.80 9.53
CA ALA A 222 -8.77 1.18 8.59
C ALA A 222 -8.69 -0.33 8.69
N ALA A 223 -9.84 -1.00 8.67
CA ALA A 223 -9.90 -2.46 8.63
C ALA A 223 -9.08 -3.12 9.75
N GLY A 224 -9.10 -2.50 10.93
CA GLY A 224 -8.44 -3.06 12.09
C GLY A 224 -6.96 -3.30 11.93
N PRO A 225 -6.53 -4.55 12.10
CA PRO A 225 -5.10 -4.88 12.05
C PRO A 225 -4.48 -4.63 10.67
N LYS A 226 -5.30 -4.55 9.62
CA LYS A 226 -4.78 -4.37 8.27
C LYS A 226 -4.23 -2.98 8.07
N GLY A 227 -5.04 -1.97 8.41
CA GLY A 227 -4.58 -0.58 8.37
C GLY A 227 -3.44 -0.35 9.33
N TYR A 228 -3.50 -0.99 10.49
CA TYR A 228 -2.40 -0.99 11.46
C TYR A 228 -1.10 -1.46 10.80
N GLY A 229 -1.14 -2.61 10.14
CA GLY A 229 0.04 -3.12 9.45
C GLY A 229 0.50 -2.18 8.34
N LEU A 230 -0.45 -1.60 7.60
CA LEU A 230 -0.11 -0.71 6.50
C LEU A 230 0.58 0.55 7.00
N MET A 231 0.08 1.16 8.09
CA MET A 231 0.73 2.37 8.58
C MET A 231 2.10 2.06 9.18
N MET A 232 2.26 0.86 9.76
CA MET A 232 3.56 0.42 10.21
C MET A 232 4.51 0.29 9.03
N MET A 233 4.05 -0.33 7.95
CA MET A 233 4.85 -0.52 6.76
C MET A 233 5.35 0.83 6.27
N ILE A 234 4.43 1.78 6.20
CA ILE A 234 4.77 3.13 5.72
C ILE A 234 5.73 3.86 6.64
N ASP A 235 5.54 3.74 7.96
CA ASP A 235 6.53 4.27 8.90
C ASP A 235 7.91 3.64 8.72
N VAL A 236 7.95 2.33 8.50
CA VAL A 236 9.22 1.65 8.29
C VAL A 236 9.88 2.05 6.98
N LEU A 237 9.10 2.19 5.93
CA LEU A 237 9.67 2.46 4.61
C LEU A 237 10.06 3.91 4.41
N SER A 238 9.31 4.82 5.02
CA SER A 238 9.58 6.25 4.80
C SER A 238 10.22 6.90 6.02
N GLY A 239 10.32 6.16 7.13
CA GLY A 239 10.92 6.69 8.34
C GLY A 239 12.13 5.91 8.84
N VAL A 240 11.92 4.69 9.31
CA VAL A 240 13.00 3.88 9.84
C VAL A 240 14.08 3.66 8.79
N LEU A 241 13.66 3.38 7.55
CA LEU A 241 14.60 3.11 6.47
C LEU A 241 15.53 4.31 6.23
N LEU A 242 15.03 5.51 6.50
CA LEU A 242 15.80 6.73 6.24
C LEU A 242 16.55 7.21 7.48
N GLY A 243 16.47 6.46 8.57
CA GLY A 243 17.15 6.85 9.80
C GLY A 243 16.52 8.07 10.45
N LEU A 244 15.21 8.23 10.25
CA LEU A 244 14.46 9.37 10.79
C LEU A 244 13.71 9.01 12.08
N PRO A 245 13.20 10.03 12.80
CA PRO A 245 12.28 9.68 13.90
C PRO A 245 11.12 8.85 13.39
N PHE A 246 10.66 7.90 14.19
CA PHE A 246 9.60 6.99 13.71
C PHE A 246 8.53 6.75 14.76
N GLY A 247 7.36 6.31 14.32
CA GLY A 247 6.29 5.98 15.24
C GLY A 247 5.90 7.19 16.06
N ARG A 248 5.84 7.01 17.39
CA ARG A 248 5.45 8.09 18.29
C ARG A 248 6.44 9.25 18.32
N GLN A 249 7.65 9.04 17.82
CA GLN A 249 8.69 10.09 17.80
C GLN A 249 8.45 11.16 16.73
N VAL A 250 7.63 10.84 15.74
CA VAL A 250 7.35 11.76 14.65
C VAL A 250 6.75 13.06 15.20
N SER A 251 7.19 14.20 14.68
CA SER A 251 6.71 15.49 15.20
C SER A 251 5.24 15.68 14.86
N SER A 252 4.58 16.55 15.63
CA SER A 252 3.22 16.94 15.30
C SER A 252 3.19 18.39 14.83
N MET A 253 2.17 18.74 14.07
CA MET A 253 2.09 20.05 13.44
C MET A 253 2.21 21.23 14.39
N TYR A 254 1.69 21.09 15.61
CA TYR A 254 1.71 22.21 16.54
C TYR A 254 2.66 22.00 17.72
N ASP A 255 3.61 21.09 17.58
CA ASP A 255 4.65 20.92 18.59
C ASP A 255 5.47 22.20 18.73
N ASP A 256 6.07 22.61 17.61
CA ASP A 256 6.99 23.73 17.61
C ASP A 256 7.08 24.34 16.22
N LEU A 257 6.42 25.49 16.05
CA LEU A 257 6.37 26.17 14.77
C LEU A 257 7.73 26.73 14.33
N HIS A 258 8.70 26.74 15.24
CA HIS A 258 10.04 27.22 14.93
C HIS A 258 10.99 26.08 14.57
N ALA A 259 10.50 24.86 14.62
CA ALA A 259 11.35 23.69 14.41
C ALA A 259 10.93 22.90 13.18
N GLY A 260 11.91 22.49 12.38
CA GLY A 260 11.65 21.66 11.22
C GLY A 260 10.95 20.37 11.62
N ARG A 261 10.06 19.89 10.75
CA ARG A 261 9.24 18.71 11.02
C ARG A 261 10.02 17.40 10.99
N ASN A 262 11.07 17.34 10.18
CA ASN A 262 11.91 16.14 10.05
C ASN A 262 11.17 14.91 9.54
N LEU A 263 10.12 15.14 8.75
CA LEU A 263 9.33 14.03 8.22
C LEU A 263 10.03 13.27 7.10
N GLY A 264 9.55 12.05 6.83
CA GLY A 264 10.07 11.26 5.73
C GLY A 264 8.98 10.84 4.74
N GLN A 265 9.39 10.65 3.49
CA GLN A 265 8.50 10.17 2.44
C GLN A 265 9.32 9.22 1.56
N LEU A 266 8.67 8.21 1.00
CA LEU A 266 9.38 7.29 0.11
C LEU A 266 8.65 7.20 -1.21
N HIS A 267 9.37 7.36 -2.33
CA HIS A 267 8.80 7.15 -3.66
C HIS A 267 9.32 5.83 -4.21
N ILE A 268 8.47 5.09 -4.91
CA ILE A 268 8.94 3.92 -5.67
C ILE A 268 8.37 4.09 -7.07
N VAL A 269 9.24 4.04 -8.08
CA VAL A 269 8.77 4.25 -9.45
C VAL A 269 9.22 3.05 -10.29
N ILE A 270 8.27 2.50 -11.03
CA ILE A 270 8.52 1.35 -11.89
C ILE A 270 8.21 1.72 -13.34
N ASN A 271 9.20 1.54 -14.21
CA ASN A 271 9.07 1.81 -15.64
C ASN A 271 8.57 0.54 -16.31
N PRO A 272 7.32 0.57 -16.81
CA PRO A 272 6.74 -0.66 -17.38
C PRO A 272 7.55 -1.23 -18.56
N ASN A 273 8.28 -0.36 -19.27
CA ASN A 273 9.13 -0.82 -20.39
C ASN A 273 10.18 -1.83 -19.98
N PHE A 274 10.54 -1.85 -18.70
CA PHE A 274 11.51 -2.83 -18.24
C PHE A 274 10.88 -4.18 -17.93
N PHE A 275 9.57 -4.32 -18.16
CA PHE A 275 8.90 -5.60 -17.88
C PHE A 275 8.12 -6.16 -19.09
N SER A 276 7.53 -5.29 -19.89
CA SER A 276 6.72 -5.74 -21.01
C SER A 276 6.41 -4.53 -21.84
N SER A 277 5.53 -4.67 -22.82
CA SER A 277 5.24 -3.54 -23.71
C SER A 277 4.51 -2.43 -22.96
N SER A 278 5.04 -1.21 -22.99
CA SER A 278 4.35 -0.10 -22.32
C SER A 278 3.07 0.27 -23.05
N GLU A 279 3.02 0.06 -24.37
CA GLU A 279 1.78 0.33 -25.11
C GLU A 279 0.66 -0.62 -24.69
N LEU A 280 0.96 -1.91 -24.60
CA LEU A 280 -0.07 -2.86 -24.19
C LEU A 280 -0.43 -2.65 -22.72
N PHE A 281 0.55 -2.26 -21.91
CA PHE A 281 0.28 -1.92 -20.52
C PHE A 281 -0.80 -0.81 -20.45
N ARG A 282 -0.57 0.26 -21.21
CA ARG A 282 -1.50 1.41 -21.19
C ARG A 282 -2.89 1.02 -21.70
N GLN A 283 -2.92 0.21 -22.77
CA GLN A 283 -4.19 -0.32 -23.27
C GLN A 283 -4.93 -1.11 -22.21
N HIS A 284 -4.20 -1.89 -21.42
CA HIS A 284 -4.81 -2.73 -20.41
C HIS A 284 -5.26 -1.94 -19.19
N LEU A 285 -4.57 -0.84 -18.89
CA LEU A 285 -5.03 0.05 -17.81
C LEU A 285 -6.33 0.71 -18.26
N SER A 286 -6.37 1.17 -19.50
CA SER A 286 -7.61 1.78 -20.02
C SER A 286 -8.74 0.75 -20.08
N GLN A 287 -8.42 -0.47 -20.47
CA GLN A 287 -9.40 -1.57 -20.46
C GLN A 287 -9.93 -1.83 -19.05
N THR A 288 -9.04 -1.83 -18.07
CA THR A 288 -9.44 -1.96 -16.66
C THR A 288 -10.48 -0.90 -16.26
N MET A 289 -10.20 0.34 -16.61
CA MET A 289 -11.09 1.43 -16.26
C MET A 289 -12.47 1.27 -16.93
N ARG A 290 -12.47 0.86 -18.19
CA ARG A 290 -13.74 0.60 -18.90
C ARG A 290 -14.53 -0.54 -18.29
N GLU A 291 -13.85 -1.64 -18.02
CA GLU A 291 -14.53 -2.85 -17.58
C GLU A 291 -15.12 -2.65 -16.17
N LEU A 292 -14.39 -1.95 -15.31
CA LEU A 292 -14.90 -1.67 -13.96
C LEU A 292 -16.14 -0.79 -14.03
N ASN A 293 -16.13 0.21 -14.90
CA ASN A 293 -17.30 1.07 -15.14
C ASN A 293 -18.54 0.33 -15.66
N ALA A 294 -18.32 -0.81 -16.31
CA ALA A 294 -19.41 -1.56 -16.93
C ALA A 294 -19.98 -2.65 -16.01
N ILE A 295 -19.42 -2.77 -14.81
CA ILE A 295 -19.90 -3.74 -13.84
C ILE A 295 -21.31 -3.34 -13.37
N THR A 296 -22.21 -4.32 -13.30
CA THR A 296 -23.55 -4.14 -12.74
C THR A 296 -23.45 -3.59 -11.32
N PRO A 297 -23.98 -2.38 -11.07
CA PRO A 297 -23.97 -1.80 -9.73
C PRO A 297 -24.90 -2.53 -8.76
N ALA A 298 -24.56 -2.51 -7.48
CA ALA A 298 -25.39 -3.13 -6.45
C ALA A 298 -26.57 -2.22 -6.16
N PRO A 299 -27.64 -2.75 -5.54
CA PRO A 299 -28.76 -1.89 -5.16
C PRO A 299 -28.31 -0.73 -4.29
N GLY A 300 -28.72 0.48 -4.64
CA GLY A 300 -28.27 1.67 -3.94
C GLY A 300 -27.39 2.52 -4.82
N PHE A 301 -26.46 1.87 -5.52
CA PHE A 301 -25.49 2.57 -6.36
C PHE A 301 -26.02 2.76 -7.78
N ASN A 302 -25.66 3.89 -8.39
CA ASN A 302 -26.10 4.21 -9.74
C ASN A 302 -25.01 3.90 -10.76
N GLN A 303 -23.82 3.59 -10.26
CA GLN A 303 -22.66 3.36 -11.13
C GLN A 303 -21.55 2.75 -10.30
N VAL A 304 -20.76 1.88 -10.93
CA VAL A 304 -19.49 1.44 -10.35
C VAL A 304 -18.42 2.34 -10.91
N TYR A 305 -17.59 2.90 -10.02
CA TYR A 305 -16.46 3.73 -10.43
C TYR A 305 -15.18 2.89 -10.40
N TYR A 306 -14.25 3.16 -11.31
CA TYR A 306 -12.90 2.60 -11.11
C TYR A 306 -12.22 3.38 -9.97
N PRO A 307 -11.20 2.78 -9.33
CA PRO A 307 -10.58 3.50 -8.20
C PRO A 307 -10.11 4.91 -8.55
N GLY A 308 -10.53 5.87 -7.73
CA GLY A 308 -10.11 7.25 -7.87
C GLY A 308 -10.98 8.05 -8.82
N GLN A 309 -11.94 7.38 -9.47
CA GLN A 309 -12.74 8.04 -10.49
C GLN A 309 -13.58 9.15 -9.88
N ASP A 310 -13.97 8.98 -8.61
CA ASP A 310 -14.77 10.00 -7.93
C ASP A 310 -14.02 11.33 -7.93
N GLN A 311 -12.72 11.27 -7.65
CA GLN A 311 -11.88 12.45 -7.64
C GLN A 311 -11.55 12.98 -9.03
N ASP A 312 -11.39 12.09 -9.99
CA ASP A 312 -11.15 12.50 -11.37
C ASP A 312 -12.34 13.34 -11.85
N ILE A 313 -13.54 12.90 -11.50
CA ILE A 313 -14.74 13.61 -11.90
C ILE A 313 -14.76 15.01 -11.28
N LYS A 314 -14.42 15.11 -10.00
CA LYS A 314 -14.34 16.41 -9.34
C LYS A 314 -13.32 17.32 -9.99
N GLN A 315 -12.17 16.75 -10.34
CA GLN A 315 -11.10 17.51 -10.97
C GLN A 315 -11.55 18.01 -12.34
N ARG A 316 -12.30 17.17 -13.05
CA ARG A 316 -12.82 17.47 -14.38
C ARG A 316 -13.87 18.59 -14.28
N LYS A 317 -14.75 18.48 -13.29
CA LYS A 317 -15.76 19.50 -13.04
C LYS A 317 -15.11 20.82 -12.64
N ALA A 318 -14.05 20.75 -11.84
CA ALA A 318 -13.35 21.95 -11.38
C ALA A 318 -12.63 22.68 -12.51
N ALA A 319 -12.37 22.00 -13.61
CA ALA A 319 -11.78 22.67 -14.77
C ALA A 319 -12.84 23.53 -15.45
N VAL A 320 -14.07 23.06 -15.41
CA VAL A 320 -15.22 23.77 -15.98
C VAL A 320 -15.64 24.94 -15.10
N GLU A 321 -16.12 24.62 -13.89
CA GLU A 321 -16.74 25.59 -13.00
C GLU A 321 -15.76 26.36 -12.13
N GLY A 322 -14.58 25.77 -11.91
CA GLY A 322 -13.61 26.36 -11.00
C GLY A 322 -13.59 25.60 -9.68
N ILE A 323 -12.52 25.80 -8.92
CA ILE A 323 -12.30 25.10 -7.67
C ILE A 323 -13.08 25.73 -6.51
N GLU A 324 -13.80 24.91 -5.75
CA GLU A 324 -14.52 25.40 -4.58
C GLU A 324 -13.64 25.42 -3.34
N ILE A 325 -13.50 26.60 -2.74
CA ILE A 325 -12.86 26.74 -1.44
C ILE A 325 -13.76 27.52 -0.50
N VAL A 326 -13.51 27.39 0.80
CA VAL A 326 -14.25 28.16 1.80
C VAL A 326 -13.90 29.64 1.66
N ASP A 327 -14.92 30.50 1.63
CA ASP A 327 -14.73 31.94 1.43
C ASP A 327 -13.75 32.57 2.44
N ASP A 328 -13.74 32.04 3.66
CA ASP A 328 -12.84 32.54 4.70
C ASP A 328 -11.37 32.46 4.28
N ILE A 329 -11.04 31.43 3.50
CA ILE A 329 -9.68 31.26 3.02
C ILE A 329 -9.33 32.29 1.95
N TYR A 330 -10.28 32.58 1.06
CA TYR A 330 -10.09 33.62 0.05
C TYR A 330 -9.82 34.95 0.75
N GLN A 331 -10.59 35.23 1.78
CA GLN A 331 -10.45 36.48 2.53
C GLN A 331 -9.07 36.65 3.14
N TYR A 332 -8.50 35.54 3.63
CA TYR A 332 -7.15 35.56 4.20
C TYR A 332 -6.07 35.71 3.12
N LEU A 333 -6.29 35.11 1.97
CA LEU A 333 -5.29 35.12 0.89
C LEU A 333 -5.11 36.49 0.23
N ILE A 334 -6.18 37.28 0.14
CA ILE A 334 -6.07 38.62 -0.43
C ILE A 334 -5.54 39.60 0.61
N SER A 335 -5.84 39.32 1.87
CA SER A 335 -5.43 40.18 2.98
C SER A 335 -3.92 40.31 3.10
N ASP A 336 -3.48 41.33 3.83
CA ASP A 336 -2.05 41.57 3.98
C ASP A 336 -1.48 40.83 5.20
N ALA A 337 -2.37 40.20 5.97
CA ALA A 337 -1.97 39.44 7.14
C ALA A 337 -1.32 38.10 6.77
N LEU A 338 -0.22 37.76 7.43
CA LEU A 338 0.43 36.46 7.27
C LEU A 338 -0.26 35.40 8.11
N TYR A 339 -0.60 35.77 9.34
CA TYR A 339 -1.36 34.93 10.25
C TYR A 339 -1.93 35.77 11.38
N ASN A 340 -3.18 35.48 11.75
CA ASN A 340 -3.93 36.33 12.69
C ASN A 340 -4.00 37.79 12.22
N SER B 6 6.33 -33.70 13.84
CA SER B 6 7.25 -32.55 13.79
C SER B 6 7.26 -31.87 12.43
N ARG B 7 7.97 -30.74 12.34
CA ARG B 7 8.07 -29.99 11.09
C ARG B 7 8.79 -30.79 9.99
N GLU B 8 9.95 -31.36 10.31
CA GLU B 8 10.70 -32.13 9.31
C GLU B 8 9.95 -33.42 8.98
N THR B 9 9.11 -33.87 9.90
CA THR B 9 8.21 -34.97 9.62
C THR B 9 7.26 -34.66 8.48
N LEU B 10 6.54 -33.56 8.60
CA LEU B 10 5.53 -33.19 7.60
C LEU B 10 6.16 -32.83 6.28
N HIS B 11 7.30 -32.13 6.34
CA HIS B 11 8.09 -31.87 5.14
C HIS B 11 8.35 -33.17 4.39
N GLN B 12 8.92 -34.16 5.08
CA GLN B 12 9.21 -35.45 4.47
C GLN B 12 7.96 -36.12 3.90
N LEU B 13 6.83 -35.97 4.59
CA LEU B 13 5.56 -36.54 4.14
C LEU B 13 5.14 -35.94 2.83
N ILE B 14 5.04 -34.60 2.84
CA ILE B 14 4.54 -33.87 1.69
C ILE B 14 5.56 -33.93 0.56
N GLU B 15 6.85 -33.90 0.90
CA GLU B 15 7.90 -34.06 -0.10
C GLU B 15 7.71 -35.38 -0.83
N ASN B 16 7.50 -36.45 -0.07
CA ASN B 16 7.27 -37.77 -0.65
C ASN B 16 6.02 -37.85 -1.50
N LYS B 17 4.89 -37.39 -0.95
CA LYS B 17 3.61 -37.47 -1.66
C LYS B 17 3.64 -36.70 -2.98
N LEU B 18 4.22 -35.50 -2.96
CA LEU B 18 4.24 -34.68 -4.15
C LEU B 18 5.30 -35.15 -5.15
N CYS B 19 6.34 -35.82 -4.64
CA CYS B 19 7.39 -36.33 -5.51
C CYS B 19 6.87 -37.48 -6.34
N GLN B 20 5.97 -38.26 -5.76
CA GLN B 20 5.42 -39.41 -6.48
C GLN B 20 4.27 -39.01 -7.39
N ALA B 21 3.65 -37.86 -7.11
CA ALA B 21 2.57 -37.41 -7.98
C ALA B 21 3.09 -36.71 -9.23
N GLY B 22 4.39 -36.41 -9.24
CA GLY B 22 5.02 -35.84 -10.43
C GLY B 22 6.24 -34.96 -10.24
N LEU B 23 6.26 -34.15 -9.18
CA LEU B 23 7.28 -33.13 -9.03
C LEU B 23 8.68 -33.68 -8.82
N LYS B 24 9.69 -32.98 -9.36
CA LYS B 24 11.06 -33.22 -8.96
C LYS B 24 11.11 -33.14 -7.45
N ARG B 25 11.95 -33.96 -6.83
CA ARG B 25 11.98 -34.08 -5.37
C ARG B 25 12.20 -32.69 -4.73
N GLU B 26 13.08 -31.90 -5.34
CA GLU B 26 13.40 -30.57 -4.84
C GLU B 26 12.18 -29.63 -4.86
N HIS B 27 11.33 -29.77 -5.88
CA HIS B 27 10.11 -28.98 -5.98
C HIS B 27 9.09 -29.40 -4.94
N ALA B 28 9.01 -30.71 -4.71
CA ALA B 28 8.11 -31.22 -3.70
C ALA B 28 8.53 -30.70 -2.31
N ALA B 29 9.84 -30.63 -2.07
CA ALA B 29 10.37 -30.21 -0.77
C ALA B 29 10.02 -28.75 -0.48
N THR B 30 9.96 -27.95 -1.54
CA THR B 30 9.68 -26.52 -1.41
C THR B 30 8.20 -26.24 -1.15
N VAL B 31 7.31 -26.89 -1.89
CA VAL B 31 5.87 -26.73 -1.69
C VAL B 31 5.45 -27.17 -0.29
N ALA B 32 6.04 -28.28 0.17
CA ALA B 32 5.79 -28.83 1.50
C ALA B 32 6.01 -27.79 2.58
N GLU B 33 7.23 -27.29 2.61
CA GLU B 33 7.68 -26.23 3.50
C GLU B 33 6.71 -25.06 3.61
N VAL B 34 6.35 -24.46 2.47
CA VAL B 34 5.44 -23.32 2.48
C VAL B 34 4.07 -23.68 3.06
N LEU B 35 3.61 -24.91 2.82
CA LEU B 35 2.29 -25.32 3.29
C LEU B 35 2.23 -25.46 4.81
N VAL B 36 3.30 -25.98 5.37
CA VAL B 36 3.39 -26.22 6.81
C VAL B 36 3.40 -24.87 7.49
N TYR B 37 4.30 -24.01 7.01
CA TYR B 37 4.42 -22.61 7.41
C TYR B 37 3.03 -22.00 7.63
N ALA B 38 2.14 -22.18 6.66
CA ALA B 38 0.79 -21.63 6.75
C ALA B 38 -0.02 -22.22 7.92
N ASP B 39 -0.12 -23.55 7.98
CA ASP B 39 -0.85 -24.20 9.07
C ASP B 39 -0.32 -23.81 10.46
N ALA B 40 0.99 -23.80 10.62
CA ALA B 40 1.63 -23.38 11.87
C ALA B 40 1.26 -21.96 12.35
N ARG B 41 1.10 -21.02 11.41
CA ARG B 41 0.78 -19.63 11.77
C ARG B 41 -0.73 -19.46 11.81
N GLY B 42 -1.44 -20.58 11.66
CA GLY B 42 -2.89 -20.56 11.72
C GLY B 42 -3.53 -20.13 10.41
N ILE B 43 -2.73 -20.02 9.36
CA ILE B 43 -3.25 -19.70 8.04
C ILE B 43 -3.73 -21.00 7.40
N HIS B 44 -4.82 -21.54 7.91
CA HIS B 44 -5.24 -22.87 7.51
C HIS B 44 -5.84 -22.93 6.12
N SER B 45 -6.38 -21.81 5.64
CA SER B 45 -6.94 -21.77 4.30
C SER B 45 -5.86 -22.06 3.25
N HIS B 46 -4.60 -21.87 3.63
CA HIS B 46 -3.50 -22.08 2.70
C HIS B 46 -2.53 -23.13 3.17
N GLY B 47 -2.95 -23.96 4.11
CA GLY B 47 -2.13 -25.08 4.56
C GLY B 47 -2.52 -26.41 3.91
N ALA B 48 -2.61 -27.47 4.73
CA ALA B 48 -2.87 -28.84 4.26
C ALA B 48 -4.23 -29.05 3.61
N VAL B 49 -5.17 -28.13 3.84
CA VAL B 49 -6.46 -28.22 3.16
C VAL B 49 -6.31 -28.16 1.61
N ARG B 50 -5.08 -27.89 1.15
CA ARG B 50 -4.73 -27.76 -0.27
C ARG B 50 -3.91 -28.93 -0.87
N VAL B 51 -3.40 -29.82 -0.01
CA VAL B 51 -2.36 -30.79 -0.39
C VAL B 51 -2.74 -31.90 -1.39
N GLU B 52 -3.91 -32.52 -1.18
CA GLU B 52 -4.41 -33.53 -2.12
C GLU B 52 -4.72 -32.87 -3.45
N TYR B 53 -5.24 -31.63 -3.38
CA TYR B 53 -5.58 -30.83 -4.55
C TYR B 53 -4.35 -30.55 -5.40
N TYR B 54 -3.28 -30.07 -4.78
CA TYR B 54 -2.03 -29.84 -5.47
C TYR B 54 -1.56 -31.12 -6.15
N ALA B 55 -1.58 -32.22 -5.40
CA ALA B 55 -1.20 -33.53 -5.91
C ALA B 55 -1.98 -33.89 -7.16
N GLU B 56 -3.27 -33.57 -7.17
CA GLU B 56 -4.10 -33.84 -8.32
C GLU B 56 -3.66 -33.03 -9.54
N ARG B 57 -3.61 -31.71 -9.37
CA ARG B 57 -3.25 -30.80 -10.45
C ARG B 57 -1.91 -31.18 -11.07
N ILE B 58 -0.96 -31.58 -10.23
CA ILE B 58 0.35 -32.03 -10.71
C ILE B 58 0.21 -33.27 -11.60
N SER B 59 -0.50 -34.28 -11.09
CA SER B 59 -0.73 -35.52 -11.83
C SER B 59 -1.43 -35.27 -13.18
N LYS B 60 -2.30 -34.26 -13.23
CA LYS B 60 -3.04 -33.92 -14.44
C LYS B 60 -2.39 -32.84 -15.33
N GLY B 61 -1.25 -32.32 -14.91
CA GLY B 61 -0.50 -31.37 -15.71
C GLY B 61 -0.96 -29.93 -15.64
N GLY B 62 -1.81 -29.59 -14.69
CA GLY B 62 -2.30 -28.23 -14.54
C GLY B 62 -1.31 -27.39 -13.75
N THR B 63 -0.26 -28.08 -13.31
CA THR B 63 0.93 -27.52 -12.70
C THR B 63 2.07 -28.24 -13.40
N ASN B 64 3.03 -27.48 -13.91
CA ASN B 64 4.11 -28.04 -14.71
C ASN B 64 5.15 -28.80 -13.88
N ARG B 65 5.34 -30.09 -14.17
CA ARG B 65 6.28 -30.91 -13.41
C ARG B 65 7.70 -30.77 -13.94
N GLU B 66 7.82 -30.26 -15.16
CA GLU B 66 9.11 -30.01 -15.77
C GLU B 66 9.12 -28.61 -16.38
N PRO B 67 9.02 -27.58 -15.53
CA PRO B 67 9.02 -26.20 -16.07
C PRO B 67 10.36 -25.84 -16.65
N GLU B 68 10.33 -25.05 -17.71
CA GLU B 68 11.55 -24.49 -18.26
C GLU B 68 11.71 -23.08 -17.69
N PHE B 69 12.42 -22.97 -16.57
CA PHE B 69 12.61 -21.68 -15.91
C PHE B 69 13.59 -20.84 -16.71
N ARG B 70 13.27 -19.56 -16.85
CA ARG B 70 14.17 -18.63 -17.51
C ARG B 70 14.14 -17.32 -16.75
N LEU B 71 15.24 -17.00 -16.07
CA LEU B 71 15.34 -15.75 -15.35
C LEU B 71 15.87 -14.72 -16.33
N GLU B 72 15.00 -13.79 -16.72
CA GLU B 72 15.42 -12.74 -17.64
C GLU B 72 15.71 -11.47 -16.88
N GLU B 73 16.98 -11.08 -16.82
CA GLU B 73 17.34 -9.83 -16.16
C GLU B 73 17.04 -8.69 -17.13
N THR B 74 16.33 -7.67 -16.66
CA THR B 74 15.96 -6.57 -17.56
C THR B 74 16.68 -5.26 -17.24
N GLY B 75 17.29 -5.18 -16.06
CA GLY B 75 18.06 -4.01 -15.66
C GLY B 75 18.85 -4.37 -14.42
N PRO B 76 19.61 -3.41 -13.87
CA PRO B 76 20.40 -3.73 -12.69
C PRO B 76 19.56 -4.20 -11.51
N CYS B 77 18.31 -3.74 -11.45
CA CYS B 77 17.46 -4.02 -10.30
C CYS B 77 16.11 -4.58 -10.70
N SER B 78 16.03 -5.19 -11.87
CA SER B 78 14.74 -5.70 -12.32
C SER B 78 14.92 -6.99 -13.10
N ALA B 79 13.92 -7.87 -12.98
CA ALA B 79 13.95 -9.14 -13.67
C ALA B 79 12.55 -9.76 -13.79
N ILE B 80 12.41 -10.66 -14.75
CA ILE B 80 11.24 -11.52 -14.84
C ILE B 80 11.68 -12.97 -14.78
N LEU B 81 11.13 -13.72 -13.83
CA LEU B 81 11.31 -15.17 -13.86
C LEU B 81 10.17 -15.76 -14.68
N HIS B 82 10.47 -16.23 -15.87
CA HIS B 82 9.48 -16.94 -16.67
C HIS B 82 9.37 -18.34 -16.08
N ALA B 83 8.22 -18.64 -15.50
CA ALA B 83 8.10 -19.81 -14.63
C ALA B 83 7.36 -20.98 -15.24
N ASP B 84 6.76 -20.77 -16.41
CA ASP B 84 6.26 -21.90 -17.21
C ASP B 84 5.23 -22.73 -16.43
N ASN B 85 4.46 -22.04 -15.60
CA ASN B 85 3.41 -22.63 -14.79
C ASN B 85 3.85 -23.71 -13.78
N ALA B 86 5.09 -23.61 -13.34
CA ALA B 86 5.60 -24.38 -12.21
C ALA B 86 4.77 -24.13 -10.95
N ALA B 87 4.94 -24.99 -9.94
CA ALA B 87 4.25 -24.76 -8.67
C ALA B 87 4.62 -23.35 -8.19
N GLY B 88 3.63 -22.61 -7.73
CA GLY B 88 3.84 -21.23 -7.30
C GLY B 88 4.87 -21.09 -6.20
N GLN B 89 4.88 -22.04 -5.25
CA GLN B 89 5.83 -22.00 -4.16
C GLN B 89 7.27 -22.07 -4.68
N VAL B 90 7.52 -22.97 -5.64
CA VAL B 90 8.81 -23.08 -6.29
C VAL B 90 9.16 -21.80 -7.04
N ALA B 91 8.24 -21.34 -7.89
CA ALA B 91 8.50 -20.16 -8.72
C ALA B 91 8.76 -18.92 -7.87
N ALA B 92 7.89 -18.69 -6.90
CA ALA B 92 8.00 -17.50 -6.08
C ALA B 92 9.26 -17.53 -5.20
N LYS B 93 9.60 -18.70 -4.67
CA LYS B 93 10.83 -18.82 -3.91
C LYS B 93 12.08 -18.52 -4.76
N MET B 94 12.14 -19.10 -5.96
CA MET B 94 13.25 -18.87 -6.86
C MET B 94 13.41 -17.39 -7.25
N GLY B 95 12.30 -16.74 -7.57
CA GLY B 95 12.35 -15.33 -7.91
C GLY B 95 12.78 -14.48 -6.72
N MET B 96 12.39 -14.89 -5.53
CA MET B 96 12.78 -14.15 -4.33
C MET B 96 14.29 -14.32 -4.04
N GLU B 97 14.83 -15.50 -4.33
CA GLU B 97 16.26 -15.71 -4.20
C GLU B 97 17.01 -14.76 -5.13
N HIS B 98 16.49 -14.59 -6.35
CA HIS B 98 17.09 -13.65 -7.25
C HIS B 98 16.93 -12.22 -6.76
N ALA B 99 15.76 -11.89 -6.22
CA ALA B 99 15.53 -10.51 -5.72
C ALA B 99 16.50 -10.20 -4.59
N ILE B 100 16.74 -11.19 -3.74
CA ILE B 100 17.63 -11.01 -2.60
C ILE B 100 19.07 -10.78 -3.06
N LYS B 101 19.54 -11.64 -3.96
CA LYS B 101 20.88 -11.50 -4.55
C LYS B 101 21.06 -10.14 -5.21
N THR B 102 20.03 -9.71 -5.92
CA THR B 102 20.09 -8.45 -6.64
C THR B 102 20.09 -7.23 -5.70
N ALA B 103 19.22 -7.25 -4.70
CA ALA B 103 19.21 -6.16 -3.72
C ALA B 103 20.46 -6.16 -2.86
N GLN B 104 21.02 -7.33 -2.57
CA GLN B 104 22.28 -7.42 -1.82
C GLN B 104 23.35 -6.60 -2.54
N GLN B 105 23.46 -6.80 -3.84
CA GLN B 105 24.52 -6.17 -4.62
C GLN B 105 24.19 -4.75 -5.04
N ASN B 106 22.98 -4.56 -5.56
CA ASN B 106 22.60 -3.31 -6.23
C ASN B 106 21.57 -2.47 -5.46
N GLY B 107 21.14 -2.98 -4.32
CA GLY B 107 20.39 -2.18 -3.38
C GLY B 107 18.89 -2.35 -3.37
N VAL B 108 18.31 -2.60 -4.53
CA VAL B 108 16.87 -2.70 -4.66
C VAL B 108 16.64 -3.81 -5.69
N ALA B 109 15.47 -4.43 -5.66
CA ALA B 109 15.12 -5.44 -6.67
C ALA B 109 13.62 -5.45 -6.86
N VAL B 110 13.19 -5.48 -8.11
CA VAL B 110 11.78 -5.66 -8.43
C VAL B 110 11.73 -6.82 -9.39
N VAL B 111 11.17 -7.95 -8.94
CA VAL B 111 11.21 -9.19 -9.70
C VAL B 111 9.80 -9.74 -9.88
N GLY B 112 9.40 -9.92 -11.14
CA GLY B 112 8.09 -10.48 -11.46
C GLY B 112 8.17 -12.00 -11.62
N ILE B 113 7.17 -12.69 -11.11
CA ILE B 113 7.05 -14.13 -11.32
C ILE B 113 5.98 -14.28 -12.40
N SER B 114 6.39 -14.76 -13.58
CA SER B 114 5.48 -14.78 -14.74
C SER B 114 5.02 -16.19 -15.11
N ARG B 115 3.72 -16.44 -14.89
CA ARG B 115 3.05 -17.72 -15.17
C ARG B 115 3.40 -18.79 -14.13
N MET B 116 2.72 -18.74 -13.00
CA MET B 116 2.93 -19.73 -11.94
C MET B 116 1.59 -20.27 -11.44
N GLY B 117 1.63 -21.38 -10.72
CA GLY B 117 0.45 -21.85 -10.00
C GLY B 117 0.34 -21.10 -8.67
N HIS B 118 -0.64 -21.50 -7.86
CA HIS B 118 -0.87 -20.91 -6.55
C HIS B 118 0.40 -20.97 -5.70
N SER B 119 0.73 -19.87 -5.03
CA SER B 119 1.98 -19.82 -4.26
C SER B 119 1.73 -19.79 -2.76
N GLY B 120 0.48 -19.66 -2.34
CA GLY B 120 0.10 -19.86 -0.94
C GLY B 120 0.14 -18.66 -0.02
N ALA B 121 0.50 -18.91 1.24
CA ALA B 121 0.69 -17.85 2.22
C ALA B 121 1.95 -17.11 1.81
N ILE B 122 1.78 -15.95 1.19
CA ILE B 122 2.92 -15.33 0.55
C ILE B 122 3.87 -14.65 1.52
N SER B 123 3.50 -14.56 2.80
CA SER B 123 4.47 -14.03 3.77
C SER B 123 5.70 -14.91 3.85
N TYR B 124 5.60 -16.18 3.45
CA TYR B 124 6.78 -17.03 3.42
C TYR B 124 7.90 -16.36 2.63
N PHE B 125 7.55 -15.78 1.49
CA PHE B 125 8.58 -15.26 0.60
C PHE B 125 9.20 -13.97 1.14
N VAL B 126 8.41 -13.13 1.80
CA VAL B 126 9.02 -11.91 2.36
C VAL B 126 9.90 -12.23 3.57
N GLN B 127 9.54 -13.26 4.34
CA GLN B 127 10.43 -13.71 5.41
C GLN B 127 11.81 -14.11 4.87
N GLN B 128 11.87 -14.64 3.63
CA GLN B 128 13.17 -14.98 3.04
C GLN B 128 14.05 -13.76 2.98
N ALA B 129 13.45 -12.66 2.54
CA ALA B 129 14.17 -11.40 2.38
C ALA B 129 14.63 -10.91 3.74
N ALA B 130 13.72 -10.94 4.71
CA ALA B 130 14.06 -10.44 6.05
C ALA B 130 15.16 -11.29 6.70
N ARG B 131 15.11 -12.61 6.50
CA ARG B 131 16.17 -13.48 7.04
C ARG B 131 17.51 -13.15 6.43
N ALA B 132 17.49 -12.60 5.22
CA ALA B 132 18.71 -12.17 4.56
C ALA B 132 19.16 -10.76 4.99
N GLY B 133 18.36 -10.11 5.83
CA GLY B 133 18.69 -8.78 6.34
C GLY B 133 18.04 -7.63 5.58
N PHE B 134 17.08 -7.94 4.72
CA PHE B 134 16.45 -6.93 3.86
C PHE B 134 14.96 -6.78 4.10
N ILE B 135 14.38 -5.68 3.61
CA ILE B 135 12.94 -5.52 3.61
C ILE B 135 12.38 -6.26 2.40
N GLY B 136 11.34 -7.06 2.63
CA GLY B 136 10.68 -7.73 1.52
C GLY B 136 9.22 -7.32 1.42
N ILE B 137 8.76 -7.10 0.20
CA ILE B 137 7.35 -6.83 -0.07
C ILE B 137 6.99 -7.82 -1.14
N SER B 138 5.80 -8.43 -1.05
CA SER B 138 5.33 -9.29 -2.14
C SER B 138 3.83 -9.15 -2.31
N MET B 139 3.33 -9.48 -3.49
CA MET B 139 1.89 -9.42 -3.74
C MET B 139 1.62 -10.32 -4.93
N CYS B 140 0.40 -10.85 -5.06
CA CYS B 140 0.09 -11.66 -6.25
C CYS B 140 -1.38 -11.62 -6.62
N GLN B 141 -1.69 -12.03 -7.86
CA GLN B 141 -3.08 -12.12 -8.29
C GLN B 141 -3.71 -13.37 -7.70
N SER B 142 -5.04 -13.36 -7.63
CA SER B 142 -5.78 -14.53 -7.15
C SER B 142 -7.10 -14.66 -7.92
N ASP B 143 -7.75 -15.82 -7.81
CA ASP B 143 -9.02 -16.11 -8.48
C ASP B 143 -10.01 -14.97 -8.35
N PRO B 144 -10.60 -14.50 -9.46
CA PRO B 144 -11.65 -13.48 -9.39
C PRO B 144 -12.74 -13.95 -8.42
N MET B 145 -13.11 -13.09 -7.48
CA MET B 145 -13.91 -13.53 -6.33
C MET B 145 -14.54 -12.34 -5.58
N VAL B 146 -14.17 -11.12 -5.99
CA VAL B 146 -14.51 -9.91 -5.24
C VAL B 146 -15.25 -8.87 -6.06
N VAL B 147 -16.30 -8.30 -5.49
CA VAL B 147 -16.99 -7.19 -6.13
C VAL B 147 -16.22 -5.88 -5.98
N PRO B 148 -16.17 -5.09 -7.06
CA PRO B 148 -15.74 -3.70 -6.94
C PRO B 148 -16.68 -2.98 -5.97
N PHE B 149 -16.18 -1.96 -5.28
CA PHE B 149 -17.03 -1.18 -4.39
C PHE B 149 -18.25 -0.67 -5.14
N GLY B 150 -19.43 -1.03 -4.67
CA GLY B 150 -20.66 -0.65 -5.35
C GLY B 150 -21.15 -1.65 -6.38
N GLY B 151 -20.41 -2.73 -6.61
CA GLY B 151 -20.75 -3.66 -7.68
C GLY B 151 -21.39 -4.99 -7.33
N ALA B 152 -21.93 -5.66 -8.35
CA ALA B 152 -22.61 -6.94 -8.18
C ALA B 152 -21.96 -8.07 -8.99
N GLU B 153 -20.89 -7.73 -9.71
CA GLU B 153 -20.15 -8.72 -10.49
C GLU B 153 -18.70 -8.80 -10.02
N ILE B 154 -18.13 -10.00 -10.03
CA ILE B 154 -16.76 -10.18 -9.57
C ILE B 154 -15.77 -9.59 -10.58
N TYR B 155 -14.59 -9.18 -10.10
CA TYR B 155 -13.53 -8.72 -10.99
C TYR B 155 -12.20 -9.19 -10.43
N TYR B 156 -11.73 -8.54 -9.36
CA TYR B 156 -10.46 -8.97 -8.75
C TYR B 156 -10.58 -10.16 -7.80
N GLY B 157 -9.43 -10.67 -7.38
CA GLY B 157 -9.38 -11.71 -6.37
C GLY B 157 -9.00 -11.17 -5.01
N THR B 158 -8.72 -12.08 -4.08
CA THR B 158 -8.40 -11.69 -2.71
C THR B 158 -6.97 -11.14 -2.62
N ASN B 159 -6.26 -11.18 -3.75
CA ASN B 159 -5.02 -10.39 -3.98
C ASN B 159 -4.26 -9.94 -2.75
N PRO B 160 -3.43 -10.83 -2.22
CA PRO B 160 -2.76 -10.52 -0.94
C PRO B 160 -1.54 -9.63 -1.10
N LEU B 161 -1.18 -8.99 0.01
CA LEU B 161 0.02 -8.19 0.12
C LEU B 161 0.78 -8.62 1.36
N ALA B 162 2.10 -8.73 1.26
CA ALA B 162 2.91 -9.16 2.41
C ALA B 162 4.16 -8.30 2.54
N PHE B 163 4.67 -8.19 3.77
CA PHE B 163 5.79 -7.33 4.10
C PHE B 163 6.55 -7.97 5.25
N ALA B 164 7.88 -7.95 5.19
CA ALA B 164 8.68 -8.33 6.36
C ALA B 164 9.94 -7.48 6.43
N ALA B 165 10.43 -7.27 7.65
CA ALA B 165 11.63 -6.47 7.86
C ALA B 165 12.37 -7.04 9.05
N PRO B 166 13.70 -7.02 9.02
CA PRO B 166 14.49 -7.61 10.10
C PRO B 166 14.64 -6.71 11.33
N GLY B 167 14.52 -7.31 12.52
CA GLY B 167 14.91 -6.66 13.77
C GLY B 167 16.25 -7.24 14.22
N GLU B 168 16.61 -7.05 15.47
CA GLU B 168 17.87 -7.61 15.98
C GLU B 168 17.81 -9.12 16.14
N GLY B 169 18.99 -9.76 16.13
CA GLY B 169 19.07 -11.19 16.30
C GLY B 169 18.23 -11.92 15.26
N ASP B 170 17.38 -12.82 15.71
CA ASP B 170 16.52 -13.56 14.79
C ASP B 170 15.10 -12.98 14.69
N GLU B 171 14.92 -11.77 15.20
CA GLU B 171 13.61 -11.10 15.15
C GLU B 171 13.29 -10.62 13.74
N ILE B 172 12.06 -10.89 13.32
CA ILE B 172 11.50 -10.39 12.06
C ILE B 172 10.09 -9.91 12.33
N LEU B 173 9.73 -8.78 11.73
CA LEU B 173 8.35 -8.33 11.77
C LEU B 173 7.73 -8.72 10.43
N THR B 174 6.66 -9.51 10.48
CA THR B 174 5.97 -10.03 9.29
C THR B 174 4.50 -9.64 9.26
N PHE B 175 4.08 -8.98 8.18
CA PHE B 175 2.68 -8.57 8.00
C PHE B 175 2.18 -9.12 6.65
N ASP B 176 0.95 -9.64 6.63
CA ASP B 176 0.42 -10.38 5.48
C ASP B 176 -1.10 -10.18 5.51
N MET B 177 -1.71 -9.78 4.40
CA MET B 177 -3.16 -9.58 4.42
C MET B 177 -3.79 -9.86 3.07
N ALA B 178 -4.99 -10.45 3.10
CA ALA B 178 -5.87 -10.45 1.94
C ALA B 178 -6.45 -9.05 1.80
N THR B 179 -6.82 -8.65 0.59
CA THR B 179 -7.39 -7.32 0.39
C THR B 179 -8.92 -7.36 0.51
N THR B 180 -9.47 -8.53 0.80
CA THR B 180 -10.89 -8.64 1.13
C THR B 180 -11.06 -8.49 2.65
N VAL B 181 -12.30 -8.32 3.09
CA VAL B 181 -12.57 -8.24 4.52
C VAL B 181 -12.03 -9.48 5.22
N GLN B 182 -12.40 -10.65 4.71
CA GLN B 182 -11.84 -11.88 5.22
C GLN B 182 -11.30 -12.72 4.06
N ALA B 183 -10.37 -13.63 4.34
CA ALA B 183 -9.95 -14.60 3.33
C ALA B 183 -11.12 -15.53 3.02
N TRP B 184 -11.11 -16.13 1.84
CA TRP B 184 -12.21 -17.00 1.41
C TRP B 184 -12.37 -18.22 2.31
N GLY B 185 -11.25 -18.68 2.86
CA GLY B 185 -11.23 -19.87 3.70
C GLY B 185 -12.06 -19.76 4.97
N LYS B 186 -12.55 -18.56 5.27
CA LYS B 186 -13.40 -18.34 6.43
C LYS B 186 -14.86 -18.55 6.04
N VAL B 187 -15.17 -18.29 4.77
CA VAL B 187 -16.52 -18.47 4.25
C VAL B 187 -16.85 -19.95 4.17
N LEU B 188 -15.87 -20.74 3.78
CA LEU B 188 -16.04 -22.20 3.70
C LEU B 188 -16.12 -22.81 5.10
N ASP B 189 -15.34 -22.27 6.03
CA ASP B 189 -15.38 -22.73 7.41
C ASP B 189 -16.76 -22.48 8.03
N ALA B 190 -17.33 -21.32 7.75
CA ALA B 190 -18.66 -20.98 8.23
C ALA B 190 -19.74 -21.68 7.40
N ARG B 191 -19.33 -22.26 6.28
CA ARG B 191 -20.22 -23.09 5.46
C ARG B 191 -20.28 -24.50 6.05
N SER B 192 -19.11 -25.03 6.41
CA SER B 192 -18.99 -26.39 6.93
C SER B 192 -19.66 -26.56 8.31
N ARG B 193 -19.47 -25.59 9.19
CA ARG B 193 -20.05 -25.64 10.53
C ARG B 193 -21.44 -25.02 10.52
N ASN B 194 -21.93 -24.71 9.32
CA ASN B 194 -23.27 -24.16 9.11
C ASN B 194 -23.58 -22.92 9.94
N MET B 195 -22.53 -22.21 10.35
CA MET B 195 -22.67 -20.94 11.03
C MET B 195 -23.22 -19.89 10.08
N SER B 196 -23.72 -18.80 10.64
CA SER B 196 -24.02 -17.63 9.84
C SER B 196 -22.72 -16.85 9.74
N ILE B 197 -22.62 -15.94 8.79
CA ILE B 197 -21.45 -15.08 8.69
C ILE B 197 -21.82 -13.65 8.99
N PRO B 198 -20.86 -12.85 9.47
CA PRO B 198 -21.09 -11.41 9.58
C PRO B 198 -21.47 -10.82 8.23
N ASP B 199 -22.25 -9.75 8.23
CA ASP B 199 -22.75 -9.14 7.00
C ASP B 199 -21.71 -8.24 6.31
N THR B 200 -20.49 -8.19 6.83
CA THR B 200 -19.45 -7.32 6.28
C THR B 200 -18.53 -8.08 5.32
N TRP B 201 -18.73 -9.39 5.22
CA TRP B 201 -17.80 -10.26 4.53
C TRP B 201 -18.06 -10.44 3.04
N ALA B 202 -19.33 -10.56 2.68
CA ALA B 202 -19.66 -11.07 1.36
C ALA B 202 -21.02 -10.61 0.89
N VAL B 203 -21.27 -10.77 -0.41
CA VAL B 203 -22.53 -10.35 -0.98
C VAL B 203 -23.18 -11.52 -1.73
N ASP B 204 -24.48 -11.39 -1.99
CA ASP B 204 -25.18 -12.40 -2.77
C ASP B 204 -25.08 -12.10 -4.25
N LYS B 205 -25.81 -12.85 -5.07
CA LYS B 205 -25.77 -12.73 -6.52
C LYS B 205 -26.23 -11.35 -7.00
N ASN B 206 -26.89 -10.59 -6.13
CA ASN B 206 -27.33 -9.24 -6.48
C ASN B 206 -26.40 -8.16 -5.95
N GLY B 207 -25.40 -8.58 -5.18
CA GLY B 207 -24.45 -7.64 -4.61
C GLY B 207 -24.90 -7.09 -3.27
N VAL B 208 -25.92 -7.73 -2.70
CA VAL B 208 -26.45 -7.37 -1.39
C VAL B 208 -25.76 -8.19 -0.32
N PRO B 209 -25.26 -7.54 0.75
CA PRO B 209 -24.58 -8.24 1.85
C PRO B 209 -25.45 -9.35 2.41
N THR B 210 -24.83 -10.46 2.83
CA THR B 210 -25.58 -11.64 3.25
C THR B 210 -24.96 -12.31 4.47
N THR B 211 -25.80 -12.99 5.25
CA THR B 211 -25.34 -13.72 6.43
C THR B 211 -25.23 -15.21 6.14
N ASP B 212 -25.85 -15.64 5.04
CA ASP B 212 -25.85 -17.04 4.64
C ASP B 212 -24.66 -17.34 3.73
N PRO B 213 -23.66 -18.08 4.24
CA PRO B 213 -22.43 -18.39 3.50
C PRO B 213 -22.67 -19.30 2.30
N PHE B 214 -23.89 -19.81 2.16
CA PHE B 214 -24.26 -20.61 1.01
C PHE B 214 -25.02 -19.76 -0.01
N ALA B 215 -25.24 -18.49 0.35
CA ALA B 215 -25.83 -17.53 -0.58
C ALA B 215 -24.76 -16.54 -1.05
N VAL B 216 -23.50 -16.84 -0.74
CA VAL B 216 -22.39 -15.97 -1.08
C VAL B 216 -21.97 -16.12 -2.55
N HIS B 217 -22.04 -15.03 -3.29
CA HIS B 217 -21.63 -15.01 -4.68
C HIS B 217 -20.23 -14.41 -4.82
N ALA B 218 -19.90 -13.53 -3.88
CA ALA B 218 -18.68 -12.71 -3.99
C ALA B 218 -18.31 -12.11 -2.65
N LEU B 219 -17.00 -11.95 -2.44
CA LEU B 219 -16.50 -11.29 -1.26
C LEU B 219 -16.53 -9.78 -1.40
N LEU B 220 -16.53 -9.09 -0.27
CA LEU B 220 -16.43 -7.64 -0.22
C LEU B 220 -14.97 -7.22 -0.03
N PRO B 221 -14.58 -6.06 -0.59
CA PRO B 221 -13.21 -5.55 -0.37
C PRO B 221 -13.04 -4.96 1.03
N ALA B 222 -11.87 -5.12 1.64
CA ALA B 222 -11.62 -4.55 2.96
C ALA B 222 -11.72 -3.03 2.91
N ALA B 223 -12.33 -2.42 3.93
CA ALA B 223 -12.43 -0.96 3.98
C ALA B 223 -13.03 -0.35 2.71
N GLY B 224 -13.93 -1.09 2.08
CA GLY B 224 -14.68 -0.56 0.96
C GLY B 224 -13.77 -0.17 -0.19
N PRO B 225 -13.82 1.10 -0.59
CA PRO B 225 -13.03 1.56 -1.74
C PRO B 225 -11.53 1.37 -1.51
N LYS B 226 -11.08 1.28 -0.26
CA LYS B 226 -9.63 1.16 0.00
C LYS B 226 -9.08 -0.22 -0.39
N GLY B 227 -9.78 -1.28 0.02
CA GLY B 227 -9.39 -2.63 -0.37
C GLY B 227 -9.52 -2.80 -1.87
N TYR B 228 -10.53 -2.13 -2.44
CA TYR B 228 -10.77 -2.12 -3.89
C TYR B 228 -9.54 -1.56 -4.62
N GLY B 229 -9.04 -0.42 -4.17
CA GLY B 229 -7.87 0.16 -4.79
C GLY B 229 -6.64 -0.71 -4.57
N LEU B 230 -6.54 -1.30 -3.39
CA LEU B 230 -5.35 -2.13 -3.10
C LEU B 230 -5.32 -3.36 -3.99
N MET B 231 -6.45 -4.04 -4.16
CA MET B 231 -6.45 -5.20 -5.05
C MET B 231 -6.24 -4.79 -6.51
N MET B 232 -6.71 -3.61 -6.88
CA MET B 232 -6.40 -3.11 -8.24
C MET B 232 -4.90 -2.90 -8.37
N MET B 233 -4.29 -2.26 -7.37
CA MET B 233 -2.85 -2.00 -7.42
C MET B 233 -2.09 -3.30 -7.59
N ILE B 234 -2.50 -4.32 -6.86
CA ILE B 234 -1.82 -5.61 -6.90
C ILE B 234 -1.98 -6.30 -8.26
N ASP B 235 -3.17 -6.21 -8.83
CA ASP B 235 -3.38 -6.74 -10.17
C ASP B 235 -2.51 -6.02 -11.20
N VAL B 236 -2.37 -4.71 -11.08
CA VAL B 236 -1.57 -3.96 -12.04
C VAL B 236 -0.07 -4.29 -11.87
N LEU B 237 0.37 -4.41 -10.62
CA LEU B 237 1.80 -4.63 -10.33
C LEU B 237 2.27 -6.06 -10.63
N SER B 238 1.41 -7.03 -10.37
CA SER B 238 1.83 -8.41 -10.53
C SER B 238 1.27 -9.04 -11.78
N GLY B 239 0.35 -8.35 -12.45
CA GLY B 239 -0.35 -8.92 -13.59
C GLY B 239 -0.16 -8.07 -14.84
N VAL B 240 -0.78 -6.88 -14.85
CA VAL B 240 -0.68 -6.00 -16.00
C VAL B 240 0.79 -5.70 -16.36
N LEU B 241 1.60 -5.39 -15.35
CA LEU B 241 3.01 -5.07 -15.56
C LEU B 241 3.74 -6.18 -16.30
N LEU B 242 3.34 -7.42 -16.07
CA LEU B 242 4.03 -8.55 -16.68
C LEU B 242 3.32 -9.03 -17.95
N GLY B 243 2.32 -8.30 -18.38
CA GLY B 243 1.58 -8.66 -19.60
C GLY B 243 0.79 -9.96 -19.48
N LEU B 244 0.40 -10.29 -18.26
CA LEU B 244 -0.38 -11.48 -17.98
C LEU B 244 -1.88 -11.18 -18.03
N PRO B 245 -2.73 -12.23 -18.03
CA PRO B 245 -4.16 -11.96 -17.85
C PRO B 245 -4.40 -11.17 -16.58
N PHE B 246 -5.40 -10.30 -16.59
CA PHE B 246 -5.61 -9.41 -15.46
C PHE B 246 -7.08 -9.29 -15.12
N GLY B 247 -7.36 -8.91 -13.88
CA GLY B 247 -8.73 -8.69 -13.43
C GLY B 247 -9.54 -9.96 -13.57
N ARG B 248 -10.69 -9.84 -14.21
CA ARG B 248 -11.62 -10.95 -14.40
C ARG B 248 -11.05 -12.07 -15.29
N GLN B 249 -10.01 -11.75 -16.06
CA GLN B 249 -9.39 -12.74 -16.92
C GLN B 249 -8.54 -13.75 -16.17
N VAL B 250 -8.13 -13.40 -14.95
CA VAL B 250 -7.34 -14.30 -14.15
C VAL B 250 -8.06 -15.64 -13.97
N SER B 251 -7.33 -16.74 -14.11
CA SER B 251 -7.90 -18.09 -14.00
C SER B 251 -8.37 -18.38 -12.57
N SER B 252 -9.32 -19.30 -12.43
CA SER B 252 -9.73 -19.78 -11.11
C SER B 252 -9.24 -21.21 -10.88
N MET B 253 -9.08 -21.59 -9.61
CA MET B 253 -8.52 -22.89 -9.25
C MET B 253 -9.23 -24.07 -9.90
N TYR B 254 -10.54 -23.97 -10.08
CA TYR B 254 -11.31 -25.11 -10.57
C TYR B 254 -11.82 -24.92 -11.99
N ASP B 255 -11.22 -23.99 -12.74
CA ASP B 255 -11.57 -23.83 -14.15
C ASP B 255 -11.11 -25.03 -14.96
N ASP B 256 -9.88 -25.46 -14.71
CA ASP B 256 -9.24 -26.50 -15.52
C ASP B 256 -7.97 -27.03 -14.84
N LEU B 257 -8.08 -28.20 -14.22
CA LEU B 257 -6.96 -28.82 -13.51
C LEU B 257 -5.90 -29.34 -14.48
N HIS B 258 -6.20 -29.24 -15.77
CA HIS B 258 -5.28 -29.68 -16.82
C HIS B 258 -4.46 -28.53 -17.40
N ALA B 259 -4.80 -27.29 -17.07
CA ALA B 259 -4.16 -26.13 -17.69
C ALA B 259 -3.44 -25.27 -16.65
N GLY B 260 -2.32 -24.67 -17.03
CA GLY B 260 -1.58 -23.80 -16.13
C GLY B 260 -2.38 -22.57 -15.74
N ARG B 261 -2.16 -22.10 -14.51
CA ARG B 261 -2.92 -20.98 -13.95
C ARG B 261 -2.54 -19.63 -14.57
N ASN B 262 -1.29 -19.51 -14.99
CA ASN B 262 -0.79 -18.28 -15.60
C ASN B 262 -0.80 -17.06 -14.67
N LEU B 263 -0.72 -17.31 -13.36
CA LEU B 263 -0.73 -16.23 -12.37
C LEU B 263 0.59 -15.46 -12.36
N GLY B 264 0.52 -14.22 -11.90
CA GLY B 264 1.70 -13.41 -11.65
C GLY B 264 1.85 -13.06 -10.19
N GLN B 265 3.10 -12.80 -9.81
CA GLN B 265 3.45 -12.33 -8.48
C GLN B 265 4.56 -11.29 -8.65
N LEU B 266 4.63 -10.29 -7.76
CA LEU B 266 5.70 -9.32 -7.80
C LEU B 266 6.37 -9.25 -6.45
N HIS B 267 7.70 -9.35 -6.46
CA HIS B 267 8.53 -9.12 -5.28
C HIS B 267 9.25 -7.77 -5.38
N ILE B 268 9.32 -7.05 -4.27
CA ILE B 268 10.17 -5.86 -4.16
C ILE B 268 11.04 -6.04 -2.93
N VAL B 269 12.35 -5.94 -3.12
CA VAL B 269 13.28 -6.09 -2.00
C VAL B 269 14.15 -4.85 -1.91
N ILE B 270 14.33 -4.34 -0.68
CA ILE B 270 15.09 -3.13 -0.43
C ILE B 270 16.18 -3.44 0.60
N ASN B 271 17.42 -3.09 0.26
CA ASN B 271 18.54 -3.29 1.18
C ASN B 271 18.69 -2.05 2.05
N PRO B 272 18.46 -2.16 3.37
CA PRO B 272 18.52 -0.96 4.21
C PRO B 272 19.85 -0.18 4.12
N ASN B 273 20.98 -0.84 3.89
CA ASN B 273 22.24 -0.10 3.94
C ASN B 273 22.48 0.85 2.77
N PHE B 274 21.58 0.82 1.77
CA PHE B 274 21.56 1.79 0.69
C PHE B 274 20.77 3.04 1.06
N PHE B 275 20.30 3.09 2.31
CA PHE B 275 19.50 4.21 2.78
C PHE B 275 19.99 4.77 4.11
N SER B 276 20.39 3.88 5.02
CA SER B 276 20.87 4.31 6.34
C SER B 276 21.60 3.16 7.03
N SER B 277 21.99 3.35 8.29
CA SER B 277 22.70 2.30 9.02
C SER B 277 21.83 1.07 9.19
N SER B 278 22.30 -0.08 8.73
CA SER B 278 21.50 -1.28 8.89
C SER B 278 21.43 -1.69 10.35
N GLU B 279 22.48 -1.39 11.10
CA GLU B 279 22.47 -1.70 12.52
C GLU B 279 21.36 -0.93 13.22
N LEU B 280 21.25 0.35 12.94
CA LEU B 280 20.21 1.16 13.56
C LEU B 280 18.84 0.80 13.04
N PHE B 281 18.76 0.40 11.78
CA PHE B 281 17.48 -0.04 11.21
C PHE B 281 16.93 -1.21 12.02
N ARG B 282 17.77 -2.23 12.22
CA ARG B 282 17.35 -3.43 12.94
C ARG B 282 17.06 -3.12 14.41
N GLN B 283 17.90 -2.30 15.04
CA GLN B 283 17.65 -1.82 16.40
C GLN B 283 16.28 -1.14 16.49
N HIS B 284 15.97 -0.31 15.50
CA HIS B 284 14.70 0.43 15.51
C HIS B 284 13.47 -0.41 15.20
N LEU B 285 13.64 -1.46 14.41
CA LEU B 285 12.56 -2.42 14.21
C LEU B 285 12.28 -3.15 15.53
N SER B 286 13.33 -3.60 16.22
CA SER B 286 13.11 -4.26 17.50
C SER B 286 12.47 -3.30 18.49
N GLN B 287 12.85 -2.03 18.41
CA GLN B 287 12.31 -1.01 19.30
C GLN B 287 10.83 -0.79 19.01
N THR B 288 10.48 -0.74 17.72
CA THR B 288 9.08 -0.68 17.31
C THR B 288 8.30 -1.84 17.92
N MET B 289 8.86 -3.05 17.85
CA MET B 289 8.12 -4.21 18.34
C MET B 289 7.90 -4.12 19.86
N ARG B 290 8.93 -3.72 20.60
CA ARG B 290 8.83 -3.51 22.05
C ARG B 290 7.81 -2.44 22.44
N GLU B 291 7.92 -1.28 21.79
CA GLU B 291 7.08 -0.14 22.11
C GLU B 291 5.61 -0.44 21.83
N LEU B 292 5.32 -1.08 20.70
CA LEU B 292 3.95 -1.46 20.41
C LEU B 292 3.41 -2.42 21.48
N ASN B 293 4.23 -3.37 21.91
CA ASN B 293 3.85 -4.29 22.99
C ASN B 293 3.60 -3.62 24.34
N ALA B 294 4.24 -2.48 24.55
CA ALA B 294 4.06 -1.75 25.80
C ALA B 294 2.84 -0.83 25.77
N ILE B 295 2.18 -0.72 24.61
CA ILE B 295 1.02 0.17 24.49
C ILE B 295 -0.15 -0.32 25.34
N THR B 296 -0.77 0.62 26.07
CA THR B 296 -1.96 0.30 26.86
C THR B 296 -3.06 -0.31 25.99
N PRO B 297 -3.44 -1.56 26.28
CA PRO B 297 -4.52 -2.16 25.51
C PRO B 297 -5.85 -1.45 25.76
N ALA B 298 -6.70 -1.42 24.75
CA ALA B 298 -8.07 -0.96 24.88
C ALA B 298 -8.85 -2.03 25.65
N PRO B 299 -9.96 -1.64 26.30
CA PRO B 299 -10.78 -2.64 27.00
C PRO B 299 -11.24 -3.75 26.06
N GLY B 300 -10.99 -5.00 26.42
CA GLY B 300 -11.38 -6.12 25.58
C GLY B 300 -10.17 -6.88 25.07
N PHE B 301 -9.03 -6.19 25.06
CA PHE B 301 -7.78 -6.77 24.59
C PHE B 301 -6.88 -7.02 25.77
N ASN B 302 -6.22 -8.18 25.77
CA ASN B 302 -5.33 -8.52 26.88
C ASN B 302 -3.96 -7.88 26.68
N GLN B 303 -3.60 -7.67 25.42
CA GLN B 303 -2.33 -7.03 25.06
C GLN B 303 -2.47 -6.33 23.71
N VAL B 304 -1.53 -5.46 23.39
CA VAL B 304 -1.38 -4.96 22.03
C VAL B 304 -0.26 -5.77 21.41
N TYR B 305 -0.49 -6.33 20.23
CA TYR B 305 0.55 -7.05 19.52
C TYR B 305 1.13 -6.15 18.44
N TYR B 306 2.41 -6.29 18.14
CA TYR B 306 2.91 -5.65 16.92
C TYR B 306 2.36 -6.45 15.75
N PRO B 307 2.30 -5.83 14.54
CA PRO B 307 1.66 -6.55 13.43
C PRO B 307 2.29 -7.93 13.19
N GLY B 308 1.45 -8.95 13.04
CA GLY B 308 1.91 -10.30 12.78
C GLY B 308 2.33 -11.09 14.01
N GLN B 309 2.36 -10.46 15.17
CA GLN B 309 2.84 -11.15 16.37
C GLN B 309 1.95 -12.32 16.76
N ASP B 310 0.64 -12.18 16.52
CA ASP B 310 -0.32 -13.24 16.80
C ASP B 310 0.07 -14.52 16.05
N GLN B 311 0.53 -14.36 14.80
CA GLN B 311 1.01 -15.48 14.00
C GLN B 311 2.39 -15.97 14.45
N ASP B 312 3.29 -15.02 14.75
CA ASP B 312 4.61 -15.36 15.29
C ASP B 312 4.43 -16.28 16.52
N ILE B 313 3.49 -15.91 17.39
CA ILE B 313 3.20 -16.70 18.59
C ILE B 313 2.64 -18.10 18.28
N LYS B 314 1.60 -18.17 17.44
CA LYS B 314 1.00 -19.45 17.06
C LYS B 314 2.04 -20.40 16.49
N GLN B 315 3.01 -19.82 15.78
CA GLN B 315 4.04 -20.58 15.11
C GLN B 315 4.87 -21.38 16.10
N ARG B 316 5.29 -20.73 17.17
CA ARG B 316 6.23 -21.35 18.10
C ARG B 316 5.57 -22.40 18.97
N LYS B 317 4.29 -22.19 19.29
CA LYS B 317 3.51 -23.21 19.98
C LYS B 317 3.30 -24.39 19.04
#